data_5MQN
#
_entry.id   5MQN
#
_cell.length_a   64.291
_cell.length_b   85.758
_cell.length_c   120.870
_cell.angle_alpha   90.00
_cell.angle_beta   98.78
_cell.angle_gamma   90.00
#
_symmetry.space_group_name_H-M   'P 1 21 1'
#
loop_
_entity.id
_entity.type
_entity.pdbx_description
1 polymer 'Glycosyl hydrolases family 2, sugar binding domain'
2 non-polymer 'CALCIUM ION'
3 water water
#
_entity_poly.entity_id   1
_entity_poly.type   'polypeptide(L)'
_entity_poly.pdbx_seq_one_letter_code
;MKSRLKQQIFAISLLACTAISPANALQTHLLREQFQNPSDEAKPWTFWYWMFGAVSKEGITADLEAMKRAGLGGTYLMPI
KGIKEGPQYNGKAQQLTPEWWEMVRFSMEEADRLGLKLGMHICDGFALAGGPWMTPKESMQKIVWSDTIVDGGKIKGLHL
PQPEAYEGFYEDISLFALPVKEEAADVMPAQITCANIATGNHIDIKKTVNMDDAGVIRSSYPCYIQYEYEQPFTCRNIEI
ILSGNNYQAHRLKVMASDDGVNYRLVKQLVPARQGWQNTDENSTHAIPATTARYFRFYWTPEGSEPGSEDMDAAKWKPNL
KIKELRLHREARLDQWEGKAGLVWRVASSTKKEEIGEQDCYALSQIINLTDPFKNSPSDNFKERTLTATLPKGKWKLLRM
GHTATGHTNATAGGGKGLECDKFNPKAVRKQFDNWFAQAFVKTNPDVARRVLKYMHVDSWECGSQNWSDTFAAEFRKRRG
YDLMPYLPLLAGIPMESAERSEKILRDVRTTIGELVVDVFYQVLADCAKEYDCQFSAECVAPTMVSDGLLHYQKVDLPMG
EFWLNSPTHDKPNDMLDAISGAHIYGKNIIQAEGFTEVRGTWNEHPGILKALLDRNYALGINRLFFHVYVHNPWLDRKPG
MTLDGIGLFFQRDQTWWNKGAKAFCEYITRCQSLLQYGHPVADIAVFTGEEMPRRSILPERLVPSLPGIFGAERVESERI
RLANEGQPLRVRPVGVTHSANMSDPEKWVNPLRGYAYDSFNKDALLRLAKAENGRMTLPGGASYKVLVLPLPRPMNPDPA
ALSPEVKQKINELKEAGILIPSLPYKEDDFSSYGLERDLIVPENIAWTHRQGEQGDIYFIANQLEETRTFTASMRIDGRK
PECWNPVTGEINADIPYEQKSHRTEITLTLAPNESVFIVYPAEEDDKETSEKERKEKKDSVKEASETGLEATEYTVTFTA
NGKTIQRQELFDWSKEEDEQIRYYSGTAVYKTTFRWKSKVKEDQQVYLNLGKVCDLATVRVNGIDCGTIWTAPYRADITA
ALKKGVNELEIEVTNTWANALKGADEGKAPFDGIWTNAKYRRAENTLLPAGLLGPLNFDVANKNK
;
_entity_poly.pdbx_strand_id   A
#
# COMPACT_ATOMS: atom_id res chain seq x y z
N LEU A 30 -14.27 -31.21 -8.65
CA LEU A 30 -15.62 -30.55 -8.71
C LEU A 30 -15.56 -29.29 -7.83
N LEU A 31 -16.31 -28.27 -8.23
CA LEU A 31 -16.34 -27.02 -7.45
C LEU A 31 -16.93 -27.24 -6.08
N ARG A 32 -17.94 -28.12 -5.98
CA ARG A 32 -18.61 -28.38 -4.71
C ARG A 32 -17.66 -28.95 -3.69
N GLU A 33 -16.86 -29.93 -4.12
CA GLU A 33 -15.89 -30.57 -3.25
C GLU A 33 -14.82 -29.55 -2.75
N GLN A 34 -14.32 -28.72 -3.65
CA GLN A 34 -13.36 -27.66 -3.26
C GLN A 34 -13.96 -26.68 -2.22
N PHE A 35 -15.21 -26.28 -2.42
CA PHE A 35 -15.92 -25.41 -1.45
C PHE A 35 -16.11 -26.12 -0.11
N GLN A 36 -16.53 -27.37 -0.17
CA GLN A 36 -16.81 -28.15 1.02
C GLN A 36 -15.54 -28.71 1.72
N ASN A 37 -14.51 -29.05 0.95
CA ASN A 37 -13.22 -29.57 1.47
C ASN A 37 -12.09 -28.84 0.74
N PRO A 38 -11.82 -27.59 1.12
CA PRO A 38 -10.83 -26.81 0.39
C PRO A 38 -9.41 -27.34 0.52
N SER A 39 -8.59 -27.05 -0.48
CA SER A 39 -7.19 -27.50 -0.51
C SER A 39 -6.42 -26.54 0.37
N ASP A 40 -5.18 -26.92 0.67
CA ASP A 40 -4.32 -26.06 1.50
C ASP A 40 -3.95 -24.77 0.80
N GLU A 41 -3.95 -24.74 -0.53
CA GLU A 41 -3.67 -23.51 -1.27
C GLU A 41 -4.70 -22.40 -0.95
N ALA A 42 -5.93 -22.82 -0.61
CA ALA A 42 -7.02 -21.90 -0.23
C ALA A 42 -6.92 -21.30 1.19
N LYS A 43 -6.08 -21.86 2.08
CA LYS A 43 -5.99 -21.32 3.47
C LYS A 43 -5.32 -19.93 3.52
N PRO A 44 -5.81 -19.06 4.42
CA PRO A 44 -5.04 -17.84 4.70
C PRO A 44 -3.75 -18.12 5.45
N TRP A 45 -2.82 -17.15 5.43
CA TRP A 45 -1.59 -17.20 6.14
C TRP A 45 -1.53 -15.99 7.08
N THR A 46 -0.43 -15.91 7.84
CA THR A 46 -0.14 -14.71 8.63
C THR A 46 1.35 -14.31 8.53
N PHE A 47 1.60 -13.01 8.67
CA PHE A 47 2.93 -12.52 9.03
C PHE A 47 3.15 -12.81 10.54
N TRP A 48 4.34 -13.26 10.89
CA TRP A 48 4.68 -13.59 12.26
C TRP A 48 5.92 -12.76 12.63
N TYR A 49 5.74 -11.77 13.50
CA TYR A 49 6.86 -10.92 13.90
C TYR A 49 7.41 -11.30 15.25
N TRP A 50 8.72 -11.35 15.35
CA TRP A 50 9.43 -11.54 16.61
C TRP A 50 10.01 -10.16 16.98
N MET A 51 9.63 -9.62 18.14
CA MET A 51 9.98 -8.22 18.51
C MET A 51 11.16 -8.14 19.44
N PHE A 52 12.16 -7.33 19.09
CA PHE A 52 13.25 -6.96 20.02
C PHE A 52 14.07 -8.14 20.53
N GLY A 53 14.22 -9.19 19.72
CA GLY A 53 14.79 -10.45 20.17
C GLY A 53 14.20 -11.17 21.39
N ALA A 54 12.98 -10.78 21.81
CA ALA A 54 12.27 -11.41 22.92
C ALA A 54 11.43 -12.59 22.40
N VAL A 55 12.02 -13.78 22.49
CA VAL A 55 11.47 -14.98 21.91
C VAL A 55 11.64 -16.13 22.89
N SER A 56 10.66 -17.03 22.97
CA SER A 56 10.76 -18.26 23.77
C SER A 56 10.21 -19.44 22.99
N LYS A 57 10.76 -20.61 23.29
CA LYS A 57 10.26 -21.87 22.72
C LYS A 57 8.83 -22.17 23.11
N GLU A 58 8.52 -21.96 24.38
CA GLU A 58 7.15 -22.12 24.87
C GLU A 58 6.18 -21.29 24.03
N GLY A 59 6.51 -20.03 23.80
CA GLY A 59 5.71 -19.17 22.96
C GLY A 59 5.62 -19.62 21.51
N ILE A 60 6.74 -20.11 20.95
CA ILE A 60 6.78 -20.63 19.60
C ILE A 60 5.76 -21.78 19.46
N THR A 61 5.81 -22.71 20.40
CA THR A 61 4.92 -23.84 20.35
C THR A 61 3.51 -23.36 20.46
N ALA A 62 3.27 -22.45 21.40
CA ALA A 62 1.94 -21.93 21.64
C ALA A 62 1.41 -21.20 20.39
N ASP A 63 2.28 -20.43 19.73
CA ASP A 63 1.89 -19.68 18.55
C ASP A 63 1.56 -20.61 17.37
N LEU A 64 2.46 -21.53 17.09
CA LEU A 64 2.29 -22.36 15.93
C LEU A 64 1.07 -23.32 16.11
N GLU A 65 0.86 -23.83 17.33
CA GLU A 65 -0.38 -24.62 17.60
C GLU A 65 -1.65 -23.78 17.43
N ALA A 66 -1.61 -22.52 17.83
CA ALA A 66 -2.71 -21.61 17.68
C ALA A 66 -3.02 -21.35 16.21
N MET A 67 -1.97 -21.19 15.42
CA MET A 67 -2.10 -21.00 13.97
C MET A 67 -2.76 -22.22 13.30
N LYS A 68 -2.29 -23.39 13.67
CA LYS A 68 -2.86 -24.62 13.11
C LYS A 68 -4.35 -24.78 13.50
N ARG A 69 -4.66 -24.59 14.78
CA ARG A 69 -6.05 -24.56 15.31
C ARG A 69 -7.00 -23.65 14.54
N ALA A 70 -6.54 -22.45 14.20
CA ALA A 70 -7.32 -21.49 13.41
C ALA A 70 -7.53 -21.90 11.93
N GLY A 71 -6.74 -22.81 11.42
CA GLY A 71 -6.82 -23.22 10.01
C GLY A 71 -5.92 -22.40 9.09
N LEU A 72 -4.85 -21.79 9.62
CA LEU A 72 -3.89 -21.08 8.78
C LEU A 72 -3.02 -22.10 8.02
N GLY A 73 -2.57 -21.73 6.82
CA GLY A 73 -1.73 -22.61 6.01
C GLY A 73 -0.25 -22.52 6.32
N GLY A 74 0.18 -21.35 6.80
CA GLY A 74 1.59 -21.13 7.03
C GLY A 74 1.78 -19.74 7.56
N THR A 75 3.04 -19.36 7.73
CA THR A 75 3.41 -18.05 8.23
C THR A 75 4.74 -17.56 7.65
N TYR A 76 4.84 -16.23 7.45
CA TYR A 76 6.09 -15.59 7.05
C TYR A 76 6.76 -15.06 8.31
N LEU A 77 7.89 -15.66 8.68
CA LEU A 77 8.63 -15.35 9.90
CA LEU A 77 8.62 -15.31 9.90
C LEU A 77 9.56 -14.16 9.63
N MET A 78 9.29 -13.03 10.26
CA MET A 78 10.08 -11.81 10.12
C MET A 78 10.44 -11.21 11.48
N PRO A 79 11.71 -11.29 11.88
CA PRO A 79 12.07 -10.59 13.12
C PRO A 79 12.21 -9.08 12.90
N ILE A 80 11.77 -8.30 13.89
CA ILE A 80 11.67 -6.86 13.80
C ILE A 80 12.44 -6.27 15.01
N LYS A 81 13.47 -5.48 14.70
CA LYS A 81 14.33 -4.80 15.70
C LYS A 81 15.04 -5.79 16.64
N GLY A 82 15.81 -5.28 17.59
CA GLY A 82 16.62 -6.15 18.48
C GLY A 82 16.71 -5.66 19.92
N ILE A 83 17.69 -6.19 20.64
CA ILE A 83 17.80 -5.95 22.07
C ILE A 83 17.97 -4.47 22.37
N LYS A 84 18.74 -3.76 21.53
CA LYS A 84 18.99 -2.31 21.70
C LYS A 84 17.72 -1.49 21.65
N GLU A 85 16.82 -1.86 20.75
CA GLU A 85 15.62 -1.07 20.54
C GLU A 85 14.56 -1.36 21.62
N GLY A 86 14.65 -2.54 22.27
CA GLY A 86 13.74 -2.90 23.38
C GLY A 86 14.46 -3.63 24.51
N PRO A 87 15.42 -2.94 25.17
CA PRO A 87 16.20 -3.58 26.23
C PRO A 87 15.36 -4.00 27.45
N GLN A 88 14.26 -3.29 27.73
CA GLN A 88 13.36 -3.66 28.85
C GLN A 88 12.74 -5.08 28.77
N TYR A 89 12.71 -5.69 27.57
CA TYR A 89 12.14 -7.05 27.38
C TYR A 89 13.08 -8.18 27.65
N ASN A 90 14.37 -7.88 27.81
CA ASN A 90 15.39 -8.86 28.19
C ASN A 90 15.54 -9.98 27.18
N GLY A 91 15.52 -9.61 25.90
CA GLY A 91 15.50 -10.58 24.79
C GLY A 91 16.79 -11.37 24.71
N LYS A 92 16.66 -12.67 24.45
CA LYS A 92 17.79 -13.60 24.37
C LYS A 92 18.05 -14.06 22.93
N ALA A 93 17.30 -13.54 21.96
CA ALA A 93 17.32 -14.05 20.58
C ALA A 93 17.58 -12.93 19.58
N GLN A 94 18.73 -12.28 19.73
CA GLN A 94 19.19 -11.28 18.78
C GLN A 94 19.51 -11.92 17.43
N GLN A 95 19.09 -11.27 16.34
CA GLN A 95 19.19 -11.93 15.02
C GLN A 95 20.65 -12.27 14.66
N LEU A 96 20.82 -13.45 14.09
CA LEU A 96 22.09 -14.03 13.64
C LEU A 96 22.99 -14.58 14.77
N THR A 97 22.56 -14.50 16.05
CA THR A 97 23.25 -15.18 17.15
C THR A 97 22.90 -16.65 17.06
N PRO A 98 23.72 -17.54 17.64
CA PRO A 98 23.36 -18.95 17.60
C PRO A 98 22.05 -19.25 18.34
N GLU A 99 21.76 -18.48 19.37
CA GLU A 99 20.51 -18.58 20.11
C GLU A 99 19.30 -18.26 19.22
N TRP A 100 19.40 -17.24 18.36
CA TRP A 100 18.38 -16.95 17.39
C TRP A 100 18.18 -18.06 16.36
N TRP A 101 19.29 -18.55 15.81
CA TRP A 101 19.24 -19.63 14.86
C TRP A 101 18.57 -20.87 15.47
N GLU A 102 18.78 -21.06 16.77
CA GLU A 102 18.15 -22.19 17.48
C GLU A 102 16.59 -21.98 17.58
N MET A 103 16.16 -20.75 17.84
CA MET A 103 14.72 -20.40 17.79
C MET A 103 14.11 -20.66 16.39
N VAL A 104 14.84 -20.29 15.33
CA VAL A 104 14.40 -20.54 13.93
C VAL A 104 14.31 -22.03 13.69
N ARG A 105 15.33 -22.77 14.09
CA ARG A 105 15.34 -24.23 13.92
C ARG A 105 14.13 -24.88 14.62
N PHE A 106 13.94 -24.54 15.90
CA PHE A 106 12.79 -25.04 16.64
C PHE A 106 11.46 -24.68 15.98
N SER A 107 11.34 -23.44 15.49
CA SER A 107 10.12 -23.02 14.74
C SER A 107 9.86 -23.93 13.51
N MET A 108 10.93 -24.28 12.78
CA MET A 108 10.80 -25.13 11.61
C MET A 108 10.38 -26.55 12.04
N GLU A 109 10.94 -26.99 13.16
CA GLU A 109 10.62 -28.30 13.73
C GLU A 109 9.13 -28.38 14.07
N GLU A 110 8.63 -27.36 14.75
CA GLU A 110 7.24 -27.34 15.17
C GLU A 110 6.29 -27.18 13.97
N ALA A 111 6.65 -26.34 12.98
CA ALA A 111 5.83 -26.18 11.77
C ALA A 111 5.72 -27.52 11.03
N ASP A 112 6.86 -28.19 10.92
CA ASP A 112 6.90 -29.52 10.33
C ASP A 112 5.97 -30.48 11.09
N ARG A 113 6.04 -30.49 12.42
CA ARG A 113 5.18 -31.39 13.23
C ARG A 113 3.71 -31.06 13.02
N LEU A 114 3.41 -29.79 12.80
CA LEU A 114 2.01 -29.36 12.66
C LEU A 114 1.47 -29.36 11.24
N GLY A 115 2.32 -29.57 10.24
CA GLY A 115 1.88 -29.39 8.84
C GLY A 115 1.73 -27.94 8.37
N LEU A 116 2.39 -26.98 9.01
CA LEU A 116 2.43 -25.59 8.51
C LEU A 116 3.66 -25.38 7.62
N LYS A 117 3.52 -24.48 6.67
CA LYS A 117 4.65 -24.05 5.84
C LYS A 117 5.16 -22.69 6.30
N LEU A 118 6.38 -22.36 5.87
CA LEU A 118 7.03 -21.12 6.23
C LEU A 118 7.56 -20.38 5.06
N GLY A 119 7.58 -19.07 5.25
CA GLY A 119 8.33 -18.13 4.44
C GLY A 119 9.22 -17.27 5.33
N MET A 120 10.24 -16.69 4.69
CA MET A 120 11.08 -15.70 5.29
C MET A 120 11.31 -14.59 4.29
N HIS A 121 11.64 -13.42 4.82
CA HIS A 121 11.97 -12.28 4.00
C HIS A 121 13.44 -12.37 3.63
N ILE A 122 13.85 -11.64 2.58
CA ILE A 122 15.26 -11.59 2.13
C ILE A 122 16.24 -10.75 2.98
N CYS A 123 15.73 -10.08 4.01
CA CYS A 123 16.59 -9.43 4.99
C CYS A 123 15.86 -9.37 6.32
N ASP A 124 16.64 -9.00 7.34
CA ASP A 124 16.15 -8.70 8.66
C ASP A 124 15.30 -7.43 8.64
N GLY A 125 14.34 -7.38 9.57
CA GLY A 125 13.35 -6.31 9.58
C GLY A 125 12.23 -6.48 8.55
N PHE A 126 11.54 -5.36 8.28
CA PHE A 126 10.46 -5.25 7.29
C PHE A 126 10.94 -5.26 5.87
N ALA A 127 12.09 -4.63 5.61
CA ALA A 127 12.56 -4.34 4.26
C ALA A 127 13.96 -3.70 4.26
N LEU A 128 14.62 -3.68 3.11
CA LEU A 128 14.22 -4.42 1.88
C LEU A 128 15.26 -5.46 1.51
N ALA A 129 16.51 -5.02 1.35
CA ALA A 129 17.61 -5.91 0.97
C ALA A 129 18.97 -5.47 1.55
N GLY A 130 18.96 -5.19 2.86
CA GLY A 130 20.15 -4.79 3.59
C GLY A 130 20.79 -5.84 4.50
N GLY A 131 22.04 -5.57 4.88
CA GLY A 131 22.71 -6.38 5.88
C GLY A 131 24.10 -5.92 6.25
N PRO A 132 24.60 -6.33 7.44
CA PRO A 132 25.91 -5.82 7.94
C PRO A 132 27.12 -6.24 7.09
N TRP A 133 26.93 -7.28 6.27
CA TRP A 133 27.89 -7.67 5.21
C TRP A 133 28.07 -6.68 4.03
N MET A 134 27.17 -5.71 3.85
CA MET A 134 27.26 -4.79 2.72
C MET A 134 28.10 -3.56 3.02
N THR A 135 29.02 -3.26 2.10
CA THR A 135 29.89 -2.05 2.20
C THR A 135 29.28 -0.94 1.37
N PRO A 136 29.78 0.31 1.54
CA PRO A 136 29.22 1.37 0.70
C PRO A 136 29.36 1.14 -0.83
N LYS A 137 30.51 0.60 -1.26
CA LYS A 137 30.72 0.23 -2.68
C LYS A 137 29.65 -0.73 -3.25
N GLU A 138 29.17 -1.65 -2.42
CA GLU A 138 28.17 -2.65 -2.82
C GLU A 138 26.71 -2.21 -2.60
N SER A 139 26.53 -1.00 -2.12
CA SER A 139 25.21 -0.47 -1.83
C SER A 139 24.64 0.30 -3.01
N MET A 140 23.39 0.78 -2.87
CA MET A 140 22.72 1.56 -3.92
C MET A 140 23.51 2.85 -4.21
N GLN A 141 23.69 3.19 -5.49
CA GLN A 141 24.54 4.31 -5.90
C GLN A 141 23.79 5.44 -6.57
N LYS A 142 24.33 6.65 -6.43
CA LYS A 142 23.82 7.83 -7.07
C LYS A 142 24.97 8.69 -7.68
N ILE A 143 24.65 9.45 -8.72
CA ILE A 143 25.60 10.39 -9.29
C ILE A 143 25.62 11.60 -8.40
N VAL A 144 26.82 12.01 -8.01
CA VAL A 144 27.02 13.21 -7.20
C VAL A 144 28.12 14.04 -7.85
N TRP A 145 28.29 15.27 -7.39
CA TRP A 145 29.29 16.14 -7.99
C TRP A 145 29.69 17.29 -7.08
N SER A 146 30.84 17.87 -7.39
CA SER A 146 31.25 19.18 -6.85
C SER A 146 31.51 20.13 -8.01
N ASP A 147 31.65 21.42 -7.73
CA ASP A 147 31.98 22.37 -8.78
C ASP A 147 32.70 23.62 -8.30
N THR A 148 33.44 24.23 -9.21
CA THR A 148 34.22 25.42 -8.90
C THR A 148 34.47 26.23 -10.17
N ILE A 149 34.48 27.56 -10.03
CA ILE A 149 34.64 28.47 -11.15
C ILE A 149 36.09 28.93 -11.13
N VAL A 150 36.78 28.80 -12.26
CA VAL A 150 38.23 29.14 -12.36
C VAL A 150 38.48 30.03 -13.56
N ASP A 151 39.57 30.78 -13.52
CA ASP A 151 40.05 31.50 -14.69
C ASP A 151 40.70 30.52 -15.65
N GLY A 152 40.35 30.66 -16.93
CA GLY A 152 40.97 29.86 -18.01
C GLY A 152 42.38 30.31 -18.26
N GLY A 153 43.12 29.50 -19.00
CA GLY A 153 44.55 29.67 -19.16
C GLY A 153 45.21 28.41 -18.67
N LYS A 154 46.38 28.55 -18.04
CA LYS A 154 47.18 27.43 -17.56
C LYS A 154 46.78 27.09 -16.12
N ILE A 155 46.38 25.84 -15.88
CA ILE A 155 45.99 25.33 -14.56
C ILE A 155 46.97 24.24 -14.16
N LYS A 156 47.55 24.37 -12.95
CA LYS A 156 48.59 23.45 -12.47
C LYS A 156 48.32 23.03 -11.02
N GLY A 157 48.42 21.74 -10.75
CA GLY A 157 48.29 21.20 -9.40
C GLY A 157 47.03 21.59 -8.60
N LEU A 158 45.94 21.91 -9.29
CA LEU A 158 44.72 22.40 -8.60
C LEU A 158 43.95 21.27 -7.90
N HIS A 159 43.62 21.50 -6.62
CA HIS A 159 42.81 20.59 -5.80
C HIS A 159 41.33 20.99 -5.98
N LEU A 160 40.53 20.11 -6.58
CA LEU A 160 39.11 20.38 -6.77
C LEU A 160 38.34 20.01 -5.51
N PRO A 161 37.17 20.63 -5.30
CA PRO A 161 36.36 20.18 -4.19
C PRO A 161 35.93 18.71 -4.35
N GLN A 162 35.80 18.02 -3.23
CA GLN A 162 35.45 16.61 -3.19
C GLN A 162 33.93 16.51 -3.07
N PRO A 163 33.29 15.76 -3.98
CA PRO A 163 31.86 15.56 -3.78
C PRO A 163 31.56 14.71 -2.55
N GLU A 164 30.27 14.65 -2.24
CA GLU A 164 29.71 13.79 -1.20
C GLU A 164 30.29 12.39 -1.25
N ALA A 165 30.77 11.91 -0.11
CA ALA A 165 31.40 10.61 0.01
C ALA A 165 30.82 9.93 1.25
N TYR A 166 29.85 9.02 1.02
CA TYR A 166 29.15 8.34 2.11
C TYR A 166 30.13 7.43 2.85
N GLU A 167 30.29 7.67 4.17
CA GLU A 167 31.35 7.01 4.98
C GLU A 167 32.72 7.03 4.32
N GLY A 168 32.99 8.13 3.61
CA GLY A 168 34.25 8.28 2.88
C GLY A 168 34.40 7.50 1.58
N PHE A 169 33.36 6.79 1.13
CA PHE A 169 33.43 6.12 -0.17
C PHE A 169 33.03 7.10 -1.26
N TYR A 170 33.86 7.25 -2.28
CA TYR A 170 33.49 8.00 -3.49
C TYR A 170 34.40 7.59 -4.64
N GLU A 171 33.86 7.58 -5.85
CA GLU A 171 34.66 7.29 -7.05
C GLU A 171 34.33 8.27 -8.15
N ASP A 172 35.37 8.86 -8.73
CA ASP A 172 35.24 9.77 -9.86
C ASP A 172 34.78 9.05 -11.11
N ILE A 173 34.03 9.75 -11.95
CA ILE A 173 33.60 9.22 -13.24
C ILE A 173 34.13 10.16 -14.34
N SER A 174 33.69 11.41 -14.33
CA SER A 174 34.02 12.37 -15.38
C SER A 174 34.20 13.78 -14.83
N LEU A 175 35.17 14.50 -15.37
CA LEU A 175 35.38 15.92 -15.09
C LEU A 175 35.12 16.72 -16.36
N PHE A 176 34.14 17.62 -16.31
CA PHE A 176 33.80 18.46 -17.45
C PHE A 176 34.25 19.89 -17.15
N ALA A 177 34.53 20.65 -18.21
CA ALA A 177 34.74 22.09 -18.10
C ALA A 177 33.71 22.78 -18.96
N LEU A 178 32.91 23.66 -18.36
CA LEU A 178 31.84 24.33 -19.06
C LEU A 178 32.14 25.83 -19.13
N PRO A 179 32.04 26.45 -20.34
CA PRO A 179 32.25 27.91 -20.43
C PRO A 179 31.04 28.63 -19.85
N VAL A 180 31.26 29.54 -18.90
CA VAL A 180 30.13 30.12 -18.16
C VAL A 180 29.21 30.92 -19.06
N LYS A 181 27.91 30.89 -18.74
CA LYS A 181 26.91 31.64 -19.48
C LYS A 181 26.97 33.11 -19.08
N GLU A 182 27.29 33.33 -17.80
CA GLU A 182 27.33 34.65 -17.19
C GLU A 182 28.37 34.54 -16.09
N GLU A 183 29.09 35.61 -15.84
CA GLU A 183 30.15 35.61 -14.83
C GLU A 183 29.63 35.97 -13.43
N ALA A 184 28.44 36.58 -13.35
CA ALA A 184 27.81 36.83 -12.06
C ALA A 184 27.60 35.54 -11.25
N ALA A 185 27.53 35.68 -9.94
CA ALA A 185 27.50 34.55 -9.00
C ALA A 185 26.12 33.85 -9.02
N ASP A 186 26.13 32.54 -8.76
CA ASP A 186 24.93 31.70 -8.84
C ASP A 186 23.88 32.13 -7.79
N VAL A 187 24.34 32.48 -6.59
CA VAL A 187 23.46 33.03 -5.55
C VAL A 187 24.06 34.30 -5.02
N MET A 188 23.20 35.14 -4.44
CA MET A 188 23.66 36.36 -3.76
C MET A 188 23.01 36.50 -2.37
N PRO A 189 23.63 37.30 -1.47
CA PRO A 189 22.99 37.66 -0.19
C PRO A 189 21.67 38.36 -0.36
N ALA A 190 20.65 37.93 0.37
CA ALA A 190 19.39 38.63 0.42
C ALA A 190 18.98 38.87 1.88
N GLN A 191 18.24 39.95 2.10
CA GLN A 191 17.55 40.18 3.35
C GLN A 191 16.15 39.59 3.23
N ILE A 192 15.83 38.70 4.15
CA ILE A 192 14.59 37.96 4.16
C ILE A 192 13.64 38.54 5.20
N THR A 193 12.42 38.83 4.76
CA THR A 193 11.36 39.30 5.64
C THR A 193 10.07 38.55 5.30
N CYS A 194 9.05 38.72 6.13
CA CYS A 194 7.78 38.05 5.80
C CYS A 194 6.62 38.92 6.22
N ALA A 195 5.43 38.54 5.78
CA ALA A 195 4.23 39.32 6.13
C ALA A 195 3.01 38.46 6.10
N ASN A 196 2.24 38.50 7.17
CA ASN A 196 0.91 37.93 7.14
C ASN A 196 0.02 38.74 6.22
N ILE A 197 -0.79 38.07 5.41
CA ILE A 197 -1.83 38.78 4.66
C ILE A 197 -3.26 38.37 4.98
N ALA A 198 -3.42 37.39 5.86
CA ALA A 198 -4.71 36.87 6.24
C ALA A 198 -5.41 37.88 7.14
N THR A 199 -6.51 38.45 6.62
CA THR A 199 -7.27 39.49 7.29
C THR A 199 -8.61 38.89 7.69
N GLY A 200 -8.86 38.87 9.00
CA GLY A 200 -10.06 38.27 9.60
C GLY A 200 -9.96 38.47 11.11
N ASN A 201 -10.92 37.88 11.84
CA ASN A 201 -10.91 37.93 13.32
C ASN A 201 -10.75 36.57 13.99
N HIS A 202 -10.77 35.49 13.21
CA HIS A 202 -10.65 34.14 13.73
C HIS A 202 -9.32 33.55 13.25
N ILE A 203 -8.24 34.27 13.59
CA ILE A 203 -6.87 33.94 13.22
C ILE A 203 -6.01 33.92 14.49
N ASP A 204 -5.38 32.78 14.76
CA ASP A 204 -4.40 32.68 15.85
C ASP A 204 -3.13 33.36 15.41
N ILE A 205 -2.87 34.55 15.96
CA ILE A 205 -1.70 35.38 15.64
C ILE A 205 -0.35 34.65 15.76
N LYS A 206 -0.20 33.75 16.74
CA LYS A 206 1.07 33.02 16.90
C LYS A 206 1.29 31.99 15.78
N LYS A 207 0.25 31.64 15.04
CA LYS A 207 0.39 30.73 13.87
C LYS A 207 0.51 31.46 12.51
N THR A 208 0.48 32.80 12.51
CA THR A 208 0.78 33.56 11.29
C THR A 208 2.27 33.47 10.96
N VAL A 209 2.62 33.83 9.74
CA VAL A 209 3.97 33.61 9.23
C VAL A 209 5.03 34.12 10.18
N ASN A 210 6.03 33.27 10.42
CA ASN A 210 7.19 33.62 11.23
C ASN A 210 8.46 32.89 10.82
N MET A 211 9.61 33.50 11.10
CA MET A 211 10.90 32.91 10.85
C MET A 211 11.62 32.73 12.16
N ASP A 212 12.06 31.51 12.44
CA ASP A 212 12.77 31.24 13.69
C ASP A 212 14.24 31.66 13.62
N ASP A 213 14.96 31.52 14.73
CA ASP A 213 16.40 31.83 14.81
C ASP A 213 17.26 31.09 13.79
N ALA A 214 16.85 29.92 13.32
CA ALA A 214 17.59 29.23 12.24
C ALA A 214 17.12 29.58 10.81
N GLY A 215 16.22 30.55 10.68
CA GLY A 215 15.65 30.94 9.38
C GLY A 215 14.49 30.09 8.85
N VAL A 216 14.01 29.14 9.65
CA VAL A 216 12.89 28.28 9.23
C VAL A 216 11.59 29.09 9.17
N ILE A 217 10.95 29.06 7.99
CA ILE A 217 9.69 29.77 7.75
C ILE A 217 8.52 28.85 8.02
N ARG A 218 7.61 29.29 8.91
CA ARG A 218 6.37 28.58 9.24
C ARG A 218 5.16 29.48 9.10
N SER A 219 4.05 28.93 8.60
CA SER A 219 2.78 29.63 8.53
C SER A 219 1.58 28.72 8.44
N SER A 220 0.48 29.12 9.08
CA SER A 220 -0.82 28.44 8.97
C SER A 220 -1.81 29.25 8.14
N TYR A 221 -1.44 30.50 7.85
CA TYR A 221 -2.25 31.47 7.12
C TYR A 221 -1.57 32.13 5.94
N PRO A 222 -2.37 32.61 4.98
CA PRO A 222 -1.83 33.30 3.83
C PRO A 222 -0.79 34.39 4.21
N CYS A 223 0.28 34.39 3.46
CA CYS A 223 1.41 35.26 3.74
C CYS A 223 2.25 35.45 2.49
N TYR A 224 3.23 36.34 2.60
CA TYR A 224 4.36 36.30 1.69
C TYR A 224 5.67 36.33 2.41
N ILE A 225 6.70 35.83 1.74
CA ILE A 225 8.10 35.88 2.19
C ILE A 225 8.84 36.69 1.12
N GLN A 226 9.57 37.72 1.53
CA GLN A 226 10.23 38.66 0.62
C GLN A 226 11.73 38.53 0.71
N TYR A 227 12.38 38.43 -0.45
CA TYR A 227 13.83 38.46 -0.58
C TYR A 227 14.26 39.77 -1.28
N GLU A 228 15.08 40.57 -0.57
CA GLU A 228 15.61 41.81 -1.12
C GLU A 228 17.10 41.75 -1.36
N TYR A 229 17.48 42.00 -2.61
CA TYR A 229 18.88 42.07 -3.01
C TYR A 229 19.36 43.54 -3.13
N GLU A 230 20.63 43.77 -2.75
CA GLU A 230 21.24 45.09 -2.85
CA GLU A 230 21.30 45.08 -2.87
C GLU A 230 21.30 45.56 -4.31
N GLN A 231 21.64 44.67 -5.24
CA GLN A 231 21.61 44.95 -6.68
C GLN A 231 20.63 43.96 -7.37
N PRO A 232 20.10 44.30 -8.56
CA PRO A 232 19.19 43.36 -9.24
C PRO A 232 19.82 41.99 -9.44
N PHE A 233 19.08 40.95 -9.09
CA PHE A 233 19.57 39.59 -9.18
C PHE A 233 18.75 38.87 -10.27
N THR A 234 19.41 38.05 -11.09
CA THR A 234 18.72 37.27 -12.11
C THR A 234 18.54 35.85 -11.59
N CYS A 235 17.29 35.47 -11.35
CA CYS A 235 16.93 34.14 -10.85
C CYS A 235 16.29 33.32 -11.97
N ARG A 236 16.76 32.08 -12.14
CA ARG A 236 16.14 31.14 -13.10
C ARG A 236 15.48 29.95 -12.46
N ASN A 237 15.81 29.66 -11.20
CA ASN A 237 15.13 28.63 -10.45
C ASN A 237 15.30 28.84 -8.95
N ILE A 238 14.38 28.24 -8.22
CA ILE A 238 14.35 28.24 -6.77
C ILE A 238 14.46 26.81 -6.27
N GLU A 239 15.46 26.57 -5.45
CA GLU A 239 15.69 25.29 -4.84
C GLU A 239 15.02 25.33 -3.50
N ILE A 240 14.00 24.49 -3.33
CA ILE A 240 13.25 24.42 -2.06
C ILE A 240 13.84 23.30 -1.19
N ILE A 241 14.26 23.70 0.02
CA ILE A 241 14.94 22.84 0.99
C ILE A 241 14.04 22.73 2.21
N LEU A 242 13.73 21.50 2.59
CA LEU A 242 12.78 21.22 3.64
C LEU A 242 13.38 20.43 4.81
N SER A 243 12.71 20.52 5.95
CA SER A 243 12.91 19.59 7.05
C SER A 243 11.73 18.60 7.06
N GLY A 244 11.91 17.42 6.49
CA GLY A 244 10.80 16.48 6.30
C GLY A 244 9.97 16.93 5.11
N ASN A 245 8.82 16.32 4.87
CA ASN A 245 8.00 16.69 3.70
C ASN A 245 7.13 17.91 4.02
N ASN A 246 6.85 18.71 3.00
CA ASN A 246 5.94 19.85 3.12
C ASN A 246 5.34 20.16 1.75
N TYR A 247 4.12 19.67 1.52
CA TYR A 247 3.34 19.91 0.32
C TYR A 247 3.18 21.40 -0.01
N GLN A 248 2.82 22.17 1.00
CA GLN A 248 2.52 23.58 0.82
C GLN A 248 3.68 24.41 0.29
N ALA A 249 4.92 24.01 0.63
CA ALA A 249 6.13 24.70 0.19
C ALA A 249 6.24 24.74 -1.33
N HIS A 250 5.68 23.74 -2.01
CA HIS A 250 5.73 23.67 -3.45
C HIS A 250 4.62 24.45 -4.16
N ARG A 251 3.85 25.26 -3.42
CA ARG A 251 2.69 25.95 -3.95
C ARG A 251 2.84 27.47 -3.86
N LEU A 252 4.09 27.93 -3.73
CA LEU A 252 4.36 29.37 -3.66
C LEU A 252 4.06 29.98 -5.02
N LYS A 253 3.58 31.21 -4.99
CA LYS A 253 3.38 32.03 -6.16
C LYS A 253 4.46 33.08 -6.18
N VAL A 254 5.30 33.04 -7.19
CA VAL A 254 6.51 33.85 -7.24
C VAL A 254 6.16 35.13 -7.94
N MET A 255 6.49 36.26 -7.31
CA MET A 255 6.27 37.62 -7.83
CA MET A 255 6.30 37.58 -7.90
C MET A 255 7.60 38.37 -7.70
N ALA A 256 7.82 39.40 -8.53
CA ALA A 256 9.09 40.18 -8.46
C ALA A 256 8.82 41.66 -8.70
N SER A 257 9.72 42.50 -8.21
CA SER A 257 9.63 43.95 -8.35
C SER A 257 11.04 44.55 -8.53
N ASP A 258 11.12 45.59 -9.37
CA ASP A 258 12.30 46.39 -9.52
C ASP A 258 12.26 47.57 -8.55
N ASP A 259 11.06 48.07 -8.26
CA ASP A 259 10.95 49.35 -7.56
C ASP A 259 10.44 49.23 -6.14
N GLY A 260 10.20 48.00 -5.67
CA GLY A 260 9.74 47.78 -4.32
C GLY A 260 8.25 47.86 -3.99
N VAL A 261 7.42 48.23 -4.97
CA VAL A 261 5.95 48.25 -4.75
C VAL A 261 5.16 47.64 -5.91
N ASN A 262 5.61 47.83 -7.14
CA ASN A 262 4.94 47.27 -8.29
C ASN A 262 5.51 45.87 -8.55
N TYR A 263 4.69 44.85 -8.31
CA TYR A 263 5.12 43.45 -8.44
C TYR A 263 4.49 42.81 -9.65
N ARG A 264 5.23 41.96 -10.35
CA ARG A 264 4.71 41.24 -11.52
C ARG A 264 4.76 39.74 -11.23
N LEU A 265 3.82 39.01 -11.83
CA LEU A 265 3.76 37.57 -11.68
C LEU A 265 4.92 36.94 -12.43
N VAL A 266 5.63 36.04 -11.77
CA VAL A 266 6.68 35.22 -12.39
C VAL A 266 6.14 33.83 -12.70
N LYS A 267 5.75 33.09 -11.67
CA LYS A 267 5.13 31.76 -11.82
C LYS A 267 4.41 31.28 -10.58
N GLN A 268 3.21 30.70 -10.76
CA GLN A 268 2.62 29.85 -9.73
C GLN A 268 3.34 28.49 -9.71
N LEU A 269 4.07 28.20 -8.63
CA LEU A 269 4.76 26.89 -8.54
C LEU A 269 3.76 25.75 -8.40
N VAL A 270 4.17 24.61 -8.96
CA VAL A 270 3.35 23.40 -9.05
C VAL A 270 4.09 22.25 -8.33
N PRO A 271 3.43 21.58 -7.35
CA PRO A 271 4.05 20.40 -6.69
C PRO A 271 4.22 19.25 -7.67
N ALA A 272 5.39 18.66 -7.71
CA ALA A 272 5.61 17.43 -8.47
C ALA A 272 4.90 16.28 -7.72
N ARG A 273 4.41 15.28 -8.45
CA ARG A 273 3.93 14.09 -7.81
C ARG A 273 5.09 13.48 -7.00
N GLN A 274 4.78 12.92 -5.84
CA GLN A 274 5.75 12.44 -4.90
C GLN A 274 5.10 11.46 -3.95
N GLY A 275 5.90 10.44 -3.58
CA GLY A 275 5.52 9.48 -2.56
C GLY A 275 6.02 9.89 -1.18
N TRP A 276 5.83 9.03 -0.19
CA TRP A 276 6.20 9.34 1.20
C TRP A 276 7.70 9.47 1.38
N GLN A 277 8.51 8.80 0.53
CA GLN A 277 9.97 8.82 0.70
C GLN A 277 10.63 9.81 -0.24
N ASN A 278 10.48 11.08 0.11
CA ASN A 278 10.79 12.20 -0.76
C ASN A 278 11.86 13.15 -0.19
N THR A 279 12.48 12.79 0.93
CA THR A 279 13.39 13.70 1.65
C THR A 279 14.85 13.62 1.18
N ASP A 280 15.21 12.61 0.36
CA ASP A 280 16.61 12.46 -0.08
C ASP A 280 17.17 13.61 -0.92
N GLU A 281 16.28 14.37 -1.58
CA GLU A 281 16.67 15.45 -2.46
C GLU A 281 15.77 16.64 -2.22
N ASN A 282 16.36 17.82 -2.46
CA ASN A 282 15.60 19.07 -2.52
C ASN A 282 14.77 19.11 -3.83
N SER A 283 14.08 20.21 -4.07
CA SER A 283 13.17 20.36 -5.21
C SER A 283 13.43 21.68 -5.90
N THR A 284 13.84 21.60 -7.16
CA THR A 284 14.19 22.79 -7.90
C THR A 284 13.02 23.11 -8.81
N HIS A 285 12.52 24.33 -8.70
CA HIS A 285 11.43 24.81 -9.51
C HIS A 285 11.93 25.90 -10.40
N ALA A 286 11.95 25.64 -11.71
CA ALA A 286 12.39 26.65 -12.65
C ALA A 286 11.35 27.75 -12.85
N ILE A 287 11.84 28.93 -13.25
CA ILE A 287 11.03 30.06 -13.61
C ILE A 287 11.58 30.71 -14.89
N PRO A 288 10.75 31.48 -15.58
CA PRO A 288 11.32 32.34 -16.60
C PRO A 288 12.34 33.29 -15.96
N ALA A 289 13.48 33.46 -16.64
CA ALA A 289 14.59 34.26 -16.10
C ALA A 289 14.08 35.62 -15.69
N THR A 290 14.30 35.98 -14.45
CA THR A 290 13.69 37.17 -13.90
C THR A 290 14.75 37.98 -13.20
N THR A 291 14.87 39.24 -13.57
CA THR A 291 15.86 40.14 -12.99
C THR A 291 15.16 41.20 -12.16
N ALA A 292 15.47 41.24 -10.86
CA ALA A 292 14.75 42.07 -9.91
C ALA A 292 15.54 42.24 -8.61
N ARG A 293 15.25 43.33 -7.92
CA ARG A 293 15.73 43.57 -6.57
C ARG A 293 14.92 42.87 -5.50
N TYR A 294 13.62 42.63 -5.76
CA TYR A 294 12.76 42.01 -4.79
C TYR A 294 12.07 40.79 -5.39
N PHE A 295 12.01 39.73 -4.60
CA PHE A 295 11.17 38.59 -4.93
C PHE A 295 10.24 38.32 -3.75
N ARG A 296 8.94 38.15 -4.03
CA ARG A 296 7.98 37.78 -3.03
C ARG A 296 7.44 36.43 -3.36
N PHE A 297 7.43 35.55 -2.38
CA PHE A 297 6.84 34.23 -2.48
C PHE A 297 5.55 34.24 -1.70
N TYR A 298 4.44 34.30 -2.46
CA TYR A 298 3.08 34.30 -1.86
C TYR A 298 2.62 32.90 -1.60
N TRP A 299 1.90 32.72 -0.51
CA TRP A 299 1.37 31.41 -0.12
C TRP A 299 -0.06 31.54 0.40
N THR A 300 -0.89 30.60 -0.02
CA THR A 300 -2.17 30.34 0.56
C THR A 300 -2.50 28.83 0.48
N PRO A 301 -3.20 28.29 1.51
CA PRO A 301 -3.62 26.88 1.43
C PRO A 301 -4.79 26.62 0.44
N GLU A 302 -5.42 27.69 -0.06
CA GLU A 302 -6.47 27.59 -1.09
C GLU A 302 -5.94 26.93 -2.34
N GLY A 303 -6.76 26.05 -2.89
CA GLY A 303 -6.36 25.34 -4.10
C GLY A 303 -5.57 24.06 -3.83
N SER A 304 -5.41 23.69 -2.57
CA SER A 304 -4.62 22.49 -2.23
C SER A 304 -5.36 21.22 -2.74
N GLU A 305 -4.59 20.30 -3.28
CA GLU A 305 -5.12 18.96 -3.64
C GLU A 305 -5.17 18.14 -2.36
N PRO A 306 -6.20 17.28 -2.17
CA PRO A 306 -6.17 16.32 -1.05
C PRO A 306 -5.10 15.26 -1.19
N GLY A 307 -4.71 14.69 -0.05
CA GLY A 307 -3.61 13.74 0.02
C GLY A 307 -3.89 12.49 -0.79
N SER A 308 -2.83 11.86 -1.26
CA SER A 308 -2.89 10.55 -1.90
C SER A 308 -1.49 9.95 -1.97
N GLU A 309 -1.39 8.73 -2.49
CA GLU A 309 -0.10 8.03 -2.54
C GLU A 309 0.92 8.70 -3.44
N ASP A 310 0.48 9.45 -4.47
CA ASP A 310 1.40 10.20 -5.31
C ASP A 310 1.38 11.71 -5.10
N MET A 311 0.81 12.13 -3.98
CA MET A 311 1.05 13.47 -3.36
C MET A 311 0.99 13.26 -1.86
N ASP A 312 1.93 12.43 -1.40
CA ASP A 312 1.90 11.94 -0.04
C ASP A 312 1.91 13.05 1.01
N ALA A 313 2.72 14.07 0.80
CA ALA A 313 2.81 15.17 1.78
C ALA A 313 1.47 15.91 1.93
N ALA A 314 0.63 15.86 0.90
CA ALA A 314 -0.69 16.49 0.97
C ALA A 314 -1.67 15.80 1.90
N LYS A 315 -1.31 14.63 2.44
CA LYS A 315 -2.11 14.00 3.45
C LYS A 315 -2.13 14.81 4.76
N TRP A 316 -1.11 15.60 5.03
CA TRP A 316 -0.91 16.20 6.36
C TRP A 316 -1.45 17.62 6.41
N LYS A 317 -1.48 18.21 7.60
CA LYS A 317 -2.06 19.55 7.82
C LYS A 317 -1.54 20.56 6.80
N PRO A 318 -2.42 21.48 6.33
CA PRO A 318 -2.04 22.38 5.25
C PRO A 318 -1.27 23.59 5.80
N ASN A 319 -0.15 23.29 6.45
CA ASN A 319 0.73 24.30 6.96
C ASN A 319 1.96 24.39 6.11
N LEU A 320 2.49 25.59 6.01
CA LEU A 320 3.72 25.88 5.28
C LEU A 320 4.89 25.76 6.25
N LYS A 321 5.94 25.09 5.78
CA LYS A 321 7.19 24.99 6.50
C LYS A 321 8.34 24.80 5.52
N ILE A 322 9.26 25.78 5.55
CA ILE A 322 10.37 25.82 4.61
C ILE A 322 11.66 26.00 5.40
N LYS A 323 12.63 25.14 5.18
CA LYS A 323 13.94 25.27 5.84
C LYS A 323 14.72 26.38 5.18
N GLU A 324 14.78 26.37 3.85
CA GLU A 324 15.50 27.38 3.09
C GLU A 324 14.98 27.43 1.64
N LEU A 325 14.89 28.66 1.09
CA LEU A 325 14.73 28.84 -0.36
C LEU A 325 16.03 29.37 -0.90
N ARG A 326 16.62 28.68 -1.87
CA ARG A 326 17.81 29.19 -2.56
C ARG A 326 17.45 29.62 -3.95
N LEU A 327 17.68 30.89 -4.24
CA LEU A 327 17.34 31.46 -5.53
C LEU A 327 18.58 31.46 -6.39
N HIS A 328 18.56 30.61 -7.41
CA HIS A 328 19.72 30.38 -8.24
C HIS A 328 19.66 31.09 -9.56
N ARG A 329 20.85 31.45 -10.04
CA ARG A 329 20.98 32.15 -11.30
C ARG A 329 21.25 31.21 -12.46
N GLU A 330 22.07 30.18 -12.25
CA GLU A 330 22.43 29.27 -13.33
C GLU A 330 21.24 28.39 -13.73
N ALA A 331 21.08 28.21 -15.04
CA ALA A 331 19.99 27.46 -15.64
C ALA A 331 19.97 26.01 -15.19
N ARG A 332 18.79 25.56 -14.75
CA ARG A 332 18.52 24.13 -14.53
C ARG A 332 17.15 23.71 -15.04
N LEU A 333 17.04 22.42 -15.39
CA LEU A 333 15.76 21.83 -15.76
C LEU A 333 14.82 21.88 -14.57
N ASP A 334 13.54 22.14 -14.84
CA ASP A 334 12.53 22.14 -13.81
C ASP A 334 12.42 20.76 -13.15
N GLN A 335 12.43 20.70 -11.82
CA GLN A 335 12.27 19.42 -11.06
C GLN A 335 13.21 18.33 -11.55
N TRP A 336 14.47 18.72 -11.74
CA TRP A 336 15.46 17.83 -12.32
C TRP A 336 15.84 16.66 -11.41
N GLU A 337 15.66 16.85 -10.10
CA GLU A 337 16.09 15.85 -9.12
C GLU A 337 15.31 14.56 -9.31
N GLY A 338 14.00 14.69 -9.56
CA GLY A 338 13.18 13.55 -9.94
C GLY A 338 13.45 13.02 -11.33
N LYS A 339 13.68 13.93 -12.28
CA LYS A 339 13.96 13.54 -13.66
C LYS A 339 15.28 12.79 -13.84
N ALA A 340 16.24 13.08 -12.97
CA ALA A 340 17.51 12.38 -12.91
C ALA A 340 17.42 11.00 -12.23
N GLY A 341 16.28 10.66 -11.64
CA GLY A 341 16.08 9.35 -11.06
C GLY A 341 16.53 9.23 -9.61
N LEU A 342 16.90 10.34 -8.96
CA LEU A 342 17.38 10.31 -7.57
C LEU A 342 16.29 10.04 -6.52
N VAL A 343 15.06 10.24 -6.94
CA VAL A 343 13.91 10.19 -6.04
C VAL A 343 12.70 9.97 -6.95
N TRP A 344 11.64 9.37 -6.43
CA TRP A 344 10.43 9.05 -7.21
C TRP A 344 9.53 10.28 -7.29
N ARG A 345 9.54 10.93 -8.44
CA ARG A 345 8.71 12.08 -8.74
C ARG A 345 8.26 12.11 -10.18
N VAL A 346 7.14 12.78 -10.45
CA VAL A 346 6.73 13.15 -11.84
C VAL A 346 6.39 14.64 -11.90
N ALA A 347 6.97 15.32 -12.87
CA ALA A 347 6.63 16.73 -13.14
C ALA A 347 6.53 16.93 -14.65
N SER A 348 5.81 17.96 -15.07
CA SER A 348 5.77 18.35 -16.47
C SER A 348 7.19 18.62 -17.04
N SER A 349 7.35 18.41 -18.34
CA SER A 349 8.55 18.82 -19.03
C SER A 349 8.73 20.36 -18.89
N THR A 350 9.97 20.79 -19.00
CA THR A 350 10.34 22.18 -18.84
C THR A 350 9.94 22.98 -20.09
N LYS A 351 9.14 24.04 -19.90
CA LYS A 351 8.77 24.94 -21.01
C LYS A 351 9.97 25.72 -21.60
N LYS A 352 9.89 26.03 -22.89
CA LYS A 352 10.98 26.74 -23.57
C LYS A 352 11.20 28.12 -22.97
N GLU A 353 10.15 28.71 -22.43
CA GLU A 353 10.21 30.03 -21.79
C GLU A 353 11.07 30.01 -20.53
N GLU A 354 11.25 28.81 -19.95
CA GLU A 354 12.09 28.60 -18.79
C GLU A 354 13.50 28.20 -19.17
N ILE A 355 13.64 27.30 -20.14
CA ILE A 355 14.93 26.90 -20.64
C ILE A 355 14.88 26.94 -22.17
N GLY A 356 15.50 27.96 -22.75
CA GLY A 356 15.59 28.11 -24.21
C GLY A 356 16.98 27.72 -24.65
N GLU A 357 17.27 27.93 -25.94
CA GLU A 357 18.55 27.50 -26.53
C GLU A 357 19.79 28.12 -25.85
N GLN A 358 19.74 29.41 -25.55
CA GLN A 358 20.82 30.10 -24.83
C GLN A 358 21.13 29.54 -23.44
N ASP A 359 20.16 28.85 -22.84
CA ASP A 359 20.32 28.28 -21.49
C ASP A 359 20.94 26.91 -21.53
N CYS A 360 21.15 26.36 -22.73
CA CYS A 360 21.69 25.01 -22.91
C CYS A 360 23.13 25.03 -23.44
N TYR A 361 23.88 23.98 -23.10
CA TYR A 361 25.22 23.76 -23.64
C TYR A 361 25.12 22.82 -24.82
N ALA A 362 25.86 23.11 -25.89
CA ALA A 362 26.07 22.14 -26.97
C ALA A 362 27.28 21.28 -26.58
N LEU A 363 27.31 20.04 -27.04
CA LEU A 363 28.44 19.13 -26.77
C LEU A 363 29.80 19.69 -27.22
N SER A 364 29.81 20.45 -28.33
CA SER A 364 31.02 21.13 -28.83
C SER A 364 31.63 22.13 -27.85
N GLN A 365 30.79 22.78 -27.07
CA GLN A 365 31.26 23.75 -26.06
C GLN A 365 31.99 23.11 -24.88
N ILE A 366 31.69 21.86 -24.55
CA ILE A 366 32.17 21.27 -23.30
C ILE A 366 33.49 20.60 -23.54
N ILE A 367 34.46 20.89 -22.67
CA ILE A 367 35.78 20.26 -22.72
C ILE A 367 35.85 19.15 -21.67
N ASN A 368 36.12 17.93 -22.09
CA ASN A 368 36.26 16.78 -21.20
C ASN A 368 37.68 16.66 -20.66
N LEU A 369 37.86 17.01 -19.37
CA LEU A 369 39.16 16.89 -18.67
C LEU A 369 39.33 15.62 -17.80
N THR A 370 38.68 14.52 -18.17
CA THR A 370 38.79 13.27 -17.39
C THR A 370 40.21 12.67 -17.45
N ASP A 371 40.77 12.59 -18.65
CA ASP A 371 42.14 12.08 -18.82
C ASP A 371 43.20 12.82 -17.96
N PRO A 372 43.43 14.13 -18.21
CA PRO A 372 44.46 14.83 -17.40
C PRO A 372 44.26 14.66 -15.89
N PHE A 373 43.03 14.89 -15.44
CA PHE A 373 42.58 14.53 -14.11
C PHE A 373 42.47 13.02 -14.08
N THR A 385 44.61 15.93 -8.09
CA THR A 385 44.71 17.30 -8.62
C THR A 385 44.66 17.34 -10.14
N LEU A 386 44.39 18.54 -10.66
CA LEU A 386 44.20 18.76 -12.10
C LEU A 386 45.34 19.63 -12.65
N THR A 387 45.86 19.21 -13.80
CA THR A 387 46.81 19.96 -14.61
C THR A 387 46.40 19.86 -16.08
N ALA A 388 46.04 20.99 -16.67
CA ALA A 388 45.76 21.11 -18.12
C ALA A 388 45.60 22.58 -18.42
N THR A 389 45.39 22.92 -19.70
CA THR A 389 45.18 24.31 -20.10
C THR A 389 43.80 24.49 -20.76
N LEU A 390 43.24 25.69 -20.60
CA LEU A 390 41.93 26.02 -21.15
C LEU A 390 41.96 27.38 -21.83
N PRO A 391 41.17 27.56 -22.92
CA PRO A 391 40.96 28.90 -23.51
C PRO A 391 40.63 29.96 -22.45
N LYS A 392 40.96 31.23 -22.74
CA LYS A 392 40.66 32.31 -21.79
C LYS A 392 39.16 32.45 -21.57
N GLY A 393 38.82 33.02 -20.42
CA GLY A 393 37.43 33.12 -19.95
C GLY A 393 37.25 32.30 -18.69
N LYS A 394 36.04 32.31 -18.15
CA LYS A 394 35.71 31.63 -16.90
C LYS A 394 35.09 30.27 -17.18
N TRP A 395 35.56 29.24 -16.47
CA TRP A 395 35.12 27.86 -16.68
C TRP A 395 34.60 27.25 -15.36
N LYS A 396 33.48 26.53 -15.45
CA LYS A 396 32.96 25.75 -14.31
C LYS A 396 33.57 24.38 -14.42
N LEU A 397 34.21 23.93 -13.35
CA LEU A 397 34.84 22.60 -13.33
C LEU A 397 33.89 21.66 -12.61
N LEU A 398 33.21 20.83 -13.37
CA LEU A 398 32.14 19.98 -12.84
C LEU A 398 32.71 18.59 -12.67
N ARG A 399 33.02 18.25 -11.43
CA ARG A 399 33.60 16.98 -11.11
C ARG A 399 32.47 16.01 -10.75
N MET A 400 32.20 15.05 -11.61
CA MET A 400 31.14 14.07 -11.35
C MET A 400 31.66 12.72 -10.96
N GLY A 401 31.01 12.13 -9.95
CA GLY A 401 31.25 10.73 -9.58
C GLY A 401 30.04 10.08 -8.95
N HIS A 402 30.29 9.05 -8.14
CA HIS A 402 29.20 8.36 -7.46
C HIS A 402 29.55 7.94 -6.05
N THR A 403 28.51 7.87 -5.21
CA THR A 403 28.61 7.33 -3.87
C THR A 403 27.33 6.58 -3.45
N ALA A 404 27.39 5.96 -2.28
CA ALA A 404 26.21 5.29 -1.71
C ALA A 404 25.08 6.30 -1.40
N THR A 405 23.83 5.86 -1.55
CA THR A 405 22.67 6.70 -1.28
C THR A 405 22.41 6.86 0.21
N GLY A 406 22.96 5.98 1.04
CA GLY A 406 22.82 6.08 2.51
C GLY A 406 21.60 5.39 3.13
N HIS A 407 21.14 4.28 2.55
CA HIS A 407 19.99 3.57 3.08
C HIS A 407 20.34 2.26 3.71
N THR A 408 19.66 1.95 4.82
CA THR A 408 19.79 0.70 5.54
C THR A 408 18.43 0.04 5.73
N ASN A 409 18.44 -1.26 6.06
CA ASN A 409 17.24 -1.96 6.58
C ASN A 409 17.08 -1.58 8.06
N ALA A 410 16.59 -0.36 8.29
CA ALA A 410 16.65 0.26 9.61
C ALA A 410 15.77 -0.37 10.69
N THR A 411 14.80 -1.18 10.31
CA THR A 411 13.93 -1.90 11.25
C THR A 411 14.48 -3.29 11.66
N ALA A 412 15.68 -3.63 11.17
CA ALA A 412 16.40 -4.85 11.57
C ALA A 412 16.96 -4.73 12.97
N GLY A 413 17.32 -5.88 13.54
CA GLY A 413 18.13 -5.92 14.76
C GLY A 413 19.54 -6.33 14.38
N GLY A 414 19.91 -7.58 14.65
CA GLY A 414 21.25 -8.09 14.38
C GLY A 414 21.65 -8.08 12.93
N GLY A 415 20.65 -8.17 12.03
CA GLY A 415 20.86 -8.19 10.58
C GLY A 415 20.85 -6.82 9.91
N LYS A 416 21.06 -5.75 10.67
CA LYS A 416 20.97 -4.41 10.12
C LYS A 416 22.23 -3.98 9.38
N GLY A 417 22.06 -3.44 8.18
CA GLY A 417 23.13 -2.68 7.49
C GLY A 417 22.72 -2.10 6.14
N LEU A 418 23.72 -1.82 5.29
CA LEU A 418 23.46 -1.05 4.06
C LEU A 418 22.63 -1.86 3.06
N GLU A 419 21.69 -1.18 2.38
CA GLU A 419 20.93 -1.78 1.27
C GLU A 419 21.83 -2.17 0.08
N CYS A 420 21.58 -3.34 -0.52
CA CYS A 420 22.39 -3.78 -1.67
C CYS A 420 22.11 -2.91 -2.91
N ASP A 421 23.14 -2.76 -3.73
CA ASP A 421 23.06 -2.20 -5.06
C ASP A 421 22.05 -3.04 -5.86
N LYS A 422 20.98 -2.39 -6.33
CA LYS A 422 19.85 -3.07 -6.98
C LYS A 422 20.14 -3.38 -8.44
N PHE A 423 21.22 -2.80 -8.98
CA PHE A 423 21.66 -3.03 -10.37
C PHE A 423 22.87 -4.00 -10.48
N ASN A 424 23.41 -4.42 -9.33
CA ASN A 424 24.62 -5.24 -9.27
C ASN A 424 24.20 -6.69 -8.97
N PRO A 425 24.22 -7.59 -9.98
CA PRO A 425 23.78 -8.96 -9.71
C PRO A 425 24.59 -9.68 -8.65
N LYS A 426 25.86 -9.29 -8.45
CA LYS A 426 26.72 -9.92 -7.45
C LYS A 426 26.30 -9.52 -6.05
N ALA A 427 25.99 -8.25 -5.87
CA ALA A 427 25.52 -7.76 -4.58
C ALA A 427 24.16 -8.33 -4.23
N VAL A 428 23.30 -8.50 -5.23
CA VAL A 428 21.95 -9.07 -4.97
C VAL A 428 22.14 -10.54 -4.56
N ARG A 429 22.99 -11.27 -5.28
CA ARG A 429 23.25 -12.68 -4.90
C ARG A 429 23.84 -12.76 -3.50
N LYS A 430 24.74 -11.83 -3.17
CA LYS A 430 25.36 -11.81 -1.85
C LYS A 430 24.32 -11.60 -0.73
N GLN A 431 23.42 -10.65 -0.94
CA GLN A 431 22.29 -10.49 -0.02
C GLN A 431 21.54 -11.80 0.19
N PHE A 432 21.18 -12.47 -0.90
CA PHE A 432 20.49 -13.74 -0.80
C PHE A 432 21.31 -14.75 0.05
N ASP A 433 22.62 -14.82 -0.21
CA ASP A 433 23.44 -15.88 0.39
C ASP A 433 23.59 -15.73 1.90
N ASN A 434 23.51 -14.51 2.40
CA ASN A 434 23.87 -14.19 3.77
C ASN A 434 22.71 -14.14 4.74
N TRP A 435 21.45 -14.18 4.25
CA TRP A 435 20.30 -14.22 5.15
C TRP A 435 19.45 -15.39 4.77
N PHE A 436 18.70 -15.28 3.66
CA PHE A 436 17.75 -16.34 3.30
C PHE A 436 18.42 -17.71 3.12
N ALA A 437 19.52 -17.76 2.38
CA ALA A 437 20.21 -19.05 2.14
C ALA A 437 20.70 -19.71 3.44
N GLN A 438 21.03 -18.89 4.43
CA GLN A 438 21.55 -19.37 5.73
C GLN A 438 20.49 -20.06 6.58
N ALA A 439 19.21 -19.80 6.30
CA ALA A 439 18.12 -20.55 6.91
C ALA A 439 18.12 -22.03 6.56
N PHE A 440 18.77 -22.41 5.47
CA PHE A 440 18.92 -23.83 5.11
C PHE A 440 20.26 -24.46 5.55
N VAL A 441 21.18 -23.65 6.10
CA VAL A 441 22.51 -24.08 6.57
C VAL A 441 22.58 -24.14 8.10
N LYS A 442 22.19 -23.04 8.74
CA LYS A 442 22.33 -22.87 10.18
C LYS A 442 21.20 -23.50 11.06
N THR A 443 20.23 -24.16 10.46
CA THR A 443 19.09 -24.72 11.21
C THR A 443 19.15 -26.24 11.20
N ASN A 444 18.17 -26.93 10.63
CA ASN A 444 18.25 -28.35 10.30
C ASN A 444 17.96 -28.42 8.80
N PRO A 445 18.98 -28.74 7.95
CA PRO A 445 18.78 -28.68 6.50
C PRO A 445 17.60 -29.50 5.91
N ASP A 446 17.36 -30.72 6.37
CA ASP A 446 16.26 -31.54 5.81
C ASP A 446 14.90 -30.99 6.23
N VAL A 447 14.80 -30.52 7.47
CA VAL A 447 13.53 -29.90 7.92
C VAL A 447 13.31 -28.61 7.15
N ALA A 448 14.33 -27.74 7.08
CA ALA A 448 14.23 -26.50 6.31
C ALA A 448 13.74 -26.72 4.88
N ARG A 449 14.30 -27.75 4.20
CA ARG A 449 13.90 -28.05 2.82
C ARG A 449 12.47 -28.52 2.70
N ARG A 450 11.87 -29.02 3.78
CA ARG A 450 10.46 -29.42 3.76
C ARG A 450 9.46 -28.29 4.08
N VAL A 451 9.84 -27.40 4.99
CA VAL A 451 8.91 -26.37 5.50
C VAL A 451 9.17 -24.98 4.96
N LEU A 452 10.42 -24.62 4.69
CA LEU A 452 10.72 -23.24 4.23
C LEU A 452 10.61 -23.26 2.71
N LYS A 453 9.40 -22.96 2.23
CA LYS A 453 9.04 -23.07 0.82
C LYS A 453 8.67 -21.75 0.13
N TYR A 454 8.77 -20.63 0.87
CA TYR A 454 8.42 -19.29 0.36
C TYR A 454 9.53 -18.31 0.69
N MET A 455 9.90 -17.54 -0.35
CA MET A 455 10.85 -16.44 -0.27
C MET A 455 10.08 -15.14 -0.58
N HIS A 456 10.09 -14.20 0.37
CA HIS A 456 9.31 -12.98 0.29
C HIS A 456 10.18 -11.75 0.14
N VAL A 457 9.73 -10.83 -0.71
CA VAL A 457 10.31 -9.50 -0.81
C VAL A 457 9.19 -8.49 -0.54
N ASP A 458 9.43 -7.60 0.42
CA ASP A 458 8.34 -6.79 0.93
C ASP A 458 8.27 -5.50 0.09
N SER A 459 7.54 -4.48 0.56
CA SER A 459 7.39 -3.24 -0.20
C SER A 459 8.63 -2.39 -0.02
N TRP A 460 9.06 -1.77 -1.10
CA TRP A 460 10.32 -1.01 -1.13
C TRP A 460 10.23 0.28 -0.28
N GLU A 461 11.28 0.49 0.50
CA GLU A 461 11.43 1.71 1.31
C GLU A 461 12.92 2.07 1.47
N CYS A 462 13.67 1.92 0.38
CA CYS A 462 15.09 2.19 0.38
C CYS A 462 15.46 3.32 -0.59
N GLY A 463 14.47 4.18 -0.90
CA GLY A 463 14.68 5.28 -1.82
C GLY A 463 14.90 4.83 -3.26
N SER A 464 15.55 5.68 -4.05
CA SER A 464 15.85 5.41 -5.43
C SER A 464 17.39 5.35 -5.65
N GLN A 465 17.76 5.00 -6.88
CA GLN A 465 19.16 5.04 -7.29
C GLN A 465 19.23 5.21 -8.81
N ASN A 466 20.29 5.89 -9.26
CA ASN A 466 20.44 6.23 -10.65
C ASN A 466 21.85 5.91 -11.20
N TRP A 467 22.59 5.04 -10.51
CA TRP A 467 23.91 4.65 -10.99
C TRP A 467 24.33 3.28 -10.49
N SER A 468 25.22 2.67 -11.26
CA SER A 468 26.01 1.53 -10.81
C SER A 468 27.21 1.44 -11.77
N ASP A 469 28.16 0.58 -11.46
CA ASP A 469 29.34 0.41 -12.35
C ASP A 469 28.99 -0.07 -13.77
N THR A 470 27.86 -0.78 -13.91
CA THR A 470 27.38 -1.30 -15.19
C THR A 470 26.29 -0.44 -15.88
N PHE A 471 25.86 0.65 -15.23
CA PHE A 471 24.74 1.47 -15.73
C PHE A 471 24.97 2.06 -17.13
N ALA A 472 26.12 2.69 -17.34
CA ALA A 472 26.49 3.19 -18.66
C ALA A 472 26.36 2.11 -19.76
N ALA A 473 26.93 0.94 -19.50
CA ALA A 473 26.88 -0.18 -20.45
C ALA A 473 25.44 -0.63 -20.71
N GLU A 474 24.67 -0.82 -19.63
CA GLU A 474 23.28 -1.21 -19.78
C GLU A 474 22.48 -0.16 -20.55
N PHE A 475 22.70 1.12 -20.21
CA PHE A 475 22.05 2.21 -20.94
C PHE A 475 22.37 2.09 -22.46
N ARG A 476 23.64 1.93 -22.78
CA ARG A 476 24.07 1.83 -24.18
C ARG A 476 23.35 0.71 -24.93
N LYS A 477 23.33 -0.47 -24.33
CA LYS A 477 22.67 -1.64 -24.95
C LYS A 477 21.19 -1.43 -25.15
N ARG A 478 20.51 -0.84 -24.14
CA ARG A 478 19.04 -0.82 -24.11
C ARG A 478 18.45 0.36 -24.84
N ARG A 479 19.09 1.51 -24.74
CA ARG A 479 18.59 2.75 -25.32
C ARG A 479 19.18 3.07 -26.69
N GLY A 480 20.36 2.53 -26.99
CA GLY A 480 20.97 2.61 -28.33
C GLY A 480 21.94 3.77 -28.58
N TYR A 481 22.31 4.50 -27.52
CA TYR A 481 23.31 5.54 -27.60
C TYR A 481 24.00 5.71 -26.24
N ASP A 482 25.08 6.47 -26.25
CA ASP A 482 25.98 6.59 -25.11
C ASP A 482 25.43 7.73 -24.20
N LEU A 483 25.28 7.43 -22.91
CA LEU A 483 24.87 8.44 -21.90
C LEU A 483 26.01 9.37 -21.45
N MET A 484 27.24 8.87 -21.54
CA MET A 484 28.42 9.51 -20.91
C MET A 484 28.72 10.98 -21.28
N PRO A 485 28.58 11.38 -22.56
CA PRO A 485 28.73 12.82 -22.91
C PRO A 485 27.67 13.72 -22.25
N TYR A 486 26.50 13.13 -21.98
CA TYR A 486 25.34 13.81 -21.42
C TYR A 486 25.21 13.70 -19.89
N LEU A 487 26.30 13.33 -19.21
CA LEU A 487 26.28 13.08 -17.78
C LEU A 487 25.88 14.29 -16.93
N PRO A 488 26.18 15.53 -17.38
CA PRO A 488 25.69 16.70 -16.63
C PRO A 488 24.17 16.90 -16.57
N LEU A 489 23.42 16.21 -17.43
CA LEU A 489 21.96 16.12 -17.28
C LEU A 489 21.53 15.58 -15.90
N LEU A 490 22.37 14.73 -15.31
CA LEU A 490 22.11 14.15 -14.00
C LEU A 490 22.29 15.11 -12.83
N ALA A 491 22.84 16.30 -13.11
CA ALA A 491 22.81 17.40 -12.15
C ALA A 491 21.81 18.48 -12.60
N GLY A 492 20.94 18.18 -13.55
CA GLY A 492 19.96 19.13 -14.05
C GLY A 492 20.46 20.24 -14.95
N ILE A 493 21.72 20.14 -15.41
CA ILE A 493 22.30 21.12 -16.34
C ILE A 493 21.82 20.82 -17.78
N PRO A 494 21.02 21.72 -18.37
CA PRO A 494 20.44 21.47 -19.71
C PRO A 494 21.42 21.47 -20.87
N MET A 495 21.19 20.57 -21.82
CA MET A 495 22.02 20.43 -23.01
C MET A 495 21.23 20.26 -24.31
N GLU A 496 21.74 20.91 -25.36
CA GLU A 496 21.14 20.99 -26.69
C GLU A 496 19.78 21.72 -26.69
N SER A 497 18.81 21.18 -25.97
CA SER A 497 17.54 21.84 -25.75
C SER A 497 16.90 21.26 -24.49
N ALA A 498 15.84 21.88 -24.01
CA ALA A 498 15.07 21.30 -22.92
C ALA A 498 14.52 19.93 -23.32
N GLU A 499 13.90 19.88 -24.49
CA GLU A 499 13.22 18.70 -24.99
C GLU A 499 14.19 17.52 -25.10
N ARG A 500 15.38 17.80 -25.62
CA ARG A 500 16.41 16.78 -25.79
C ARG A 500 16.97 16.30 -24.45
N SER A 501 17.26 17.24 -23.56
CA SER A 501 17.67 16.92 -22.19
C SER A 501 16.67 15.98 -21.51
N GLU A 502 15.39 16.29 -21.65
CA GLU A 502 14.34 15.52 -20.96
C GLU A 502 13.99 14.19 -21.66
N LYS A 503 14.17 14.13 -22.98
CA LYS A 503 14.11 12.85 -23.66
C LYS A 503 15.24 11.92 -23.14
N ILE A 504 16.46 12.43 -22.99
CA ILE A 504 17.55 11.61 -22.45
C ILE A 504 17.32 11.23 -20.99
N LEU A 505 16.86 12.16 -20.15
CA LEU A 505 16.59 11.82 -18.73
C LEU A 505 15.44 10.79 -18.59
N ARG A 506 14.42 10.88 -19.42
CA ARG A 506 13.39 9.83 -19.45
C ARG A 506 14.01 8.49 -19.77
N ASP A 507 14.91 8.45 -20.76
CA ASP A 507 15.63 7.23 -21.08
C ASP A 507 16.48 6.74 -19.90
N VAL A 508 17.06 7.65 -19.12
CA VAL A 508 17.77 7.25 -17.89
C VAL A 508 16.80 6.54 -16.90
N ARG A 509 15.64 7.12 -16.70
CA ARG A 509 14.65 6.56 -15.77
C ARG A 509 14.12 5.20 -16.25
N THR A 510 13.88 5.10 -17.55
CA THR A 510 13.44 3.84 -18.18
C THR A 510 14.43 2.74 -17.88
N THR A 511 15.71 3.04 -18.07
CA THR A 511 16.79 2.10 -17.82
C THR A 511 16.83 1.67 -16.36
N ILE A 512 16.68 2.63 -15.46
CA ILE A 512 16.59 2.33 -14.03
C ILE A 512 15.49 1.27 -13.76
N GLY A 513 14.28 1.53 -14.27
CA GLY A 513 13.16 0.63 -14.07
C GLY A 513 13.41 -0.77 -14.65
N GLU A 514 14.11 -0.84 -15.78
CA GLU A 514 14.40 -2.12 -16.40
C GLU A 514 15.43 -2.90 -15.59
N LEU A 515 16.41 -2.19 -15.02
CA LEU A 515 17.44 -2.86 -14.22
C LEU A 515 16.90 -3.41 -12.87
N VAL A 516 15.95 -2.71 -12.25
CA VAL A 516 15.22 -3.30 -11.10
C VAL A 516 14.69 -4.72 -11.41
N VAL A 517 14.13 -4.88 -12.60
CA VAL A 517 13.52 -6.13 -12.99
C VAL A 517 14.57 -7.16 -13.45
N ASP A 518 15.50 -6.70 -14.30
CA ASP A 518 16.42 -7.60 -14.99
C ASP A 518 17.62 -8.01 -14.14
N VAL A 519 17.85 -7.30 -13.03
CA VAL A 519 18.91 -7.65 -12.11
C VAL A 519 18.30 -8.12 -10.78
N PHE A 520 17.75 -7.18 -10.00
CA PHE A 520 17.28 -7.51 -8.65
C PHE A 520 16.24 -8.66 -8.70
N TYR A 521 15.15 -8.49 -9.47
CA TYR A 521 14.10 -9.50 -9.49
C TYR A 521 14.53 -10.78 -10.24
N GLN A 522 15.26 -10.61 -11.32
CA GLN A 522 15.76 -11.79 -12.05
C GLN A 522 16.68 -12.64 -11.18
N VAL A 523 17.63 -12.01 -10.51
CA VAL A 523 18.60 -12.76 -9.69
C VAL A 523 17.86 -13.47 -8.55
N LEU A 524 16.94 -12.76 -7.88
CA LEU A 524 16.17 -13.38 -6.80
C LEU A 524 15.27 -14.50 -7.26
N ALA A 525 14.67 -14.34 -8.46
CA ALA A 525 13.88 -15.42 -9.03
C ALA A 525 14.69 -16.69 -9.26
N ASP A 526 15.88 -16.53 -9.80
CA ASP A 526 16.83 -17.64 -10.03
C ASP A 526 17.18 -18.31 -8.69
N CYS A 527 17.45 -17.49 -7.68
CA CYS A 527 17.74 -17.97 -6.33
C CYS A 527 16.61 -18.76 -5.72
N ALA A 528 15.38 -18.26 -5.88
CA ALA A 528 14.19 -18.92 -5.34
C ALA A 528 14.03 -20.30 -5.96
N LYS A 529 14.13 -20.32 -7.28
CA LYS A 529 14.00 -21.57 -8.04
C LYS A 529 15.13 -22.54 -7.67
N GLU A 530 16.33 -22.02 -7.49
CA GLU A 530 17.47 -22.86 -7.02
C GLU A 530 17.13 -23.52 -5.68
N TYR A 531 16.47 -22.79 -4.78
CA TYR A 531 16.11 -23.32 -3.44
C TYR A 531 14.72 -23.95 -3.29
N ASP A 532 14.09 -24.28 -4.42
CA ASP A 532 12.76 -24.81 -4.46
C ASP A 532 11.70 -24.00 -3.65
N CYS A 533 11.76 -22.67 -3.77
CA CYS A 533 10.78 -21.80 -3.13
C CYS A 533 9.95 -21.03 -4.15
N GLN A 534 8.70 -20.74 -3.76
CA GLN A 534 7.81 -19.80 -4.46
CA GLN A 534 7.85 -19.81 -4.47
C GLN A 534 8.24 -18.38 -4.03
N PHE A 535 8.22 -17.43 -4.95
CA PHE A 535 8.69 -16.05 -4.77
C PHE A 535 7.45 -15.15 -4.66
N SER A 536 7.23 -14.55 -3.48
CA SER A 536 6.24 -13.50 -3.33
C SER A 536 6.91 -12.12 -3.27
N ALA A 537 6.19 -11.12 -3.75
CA ALA A 537 6.70 -9.77 -3.76
C ALA A 537 5.63 -8.69 -3.70
N GLU A 538 5.92 -7.62 -2.95
CA GLU A 538 5.06 -6.44 -2.92
C GLU A 538 5.62 -5.36 -3.86
N CYS A 539 5.15 -4.13 -3.70
CA CYS A 539 5.41 -3.09 -4.64
C CYS A 539 6.82 -2.45 -4.53
N VAL A 540 7.22 -1.86 -5.67
CA VAL A 540 8.43 -1.06 -5.86
C VAL A 540 8.08 0.42 -5.84
N ALA A 541 7.00 0.79 -6.54
CA ALA A 541 6.41 2.15 -6.39
C ALA A 541 5.91 2.33 -4.95
N PRO A 542 5.86 3.55 -4.41
CA PRO A 542 6.21 4.78 -5.07
C PRO A 542 7.51 5.36 -4.49
N THR A 543 8.51 4.52 -4.23
CA THR A 543 9.75 4.97 -3.58
C THR A 543 10.96 4.77 -4.51
N MET A 544 10.95 3.75 -5.37
CA MET A 544 12.08 3.44 -6.28
C MET A 544 11.59 3.68 -7.70
N VAL A 545 12.40 4.36 -8.50
CA VAL A 545 12.03 4.69 -9.88
C VAL A 545 11.84 3.36 -10.62
N SER A 546 10.73 3.27 -11.35
CA SER A 546 10.21 1.97 -11.82
C SER A 546 8.97 2.14 -12.68
N ASP A 547 8.70 1.12 -13.49
CA ASP A 547 7.36 0.82 -13.92
C ASP A 547 6.84 -0.17 -12.88
N GLY A 548 5.92 0.33 -12.07
CA GLY A 548 5.39 -0.36 -10.91
C GLY A 548 4.75 -1.70 -11.10
N LEU A 549 4.33 -2.01 -12.33
CA LEU A 549 3.82 -3.29 -12.71
C LEU A 549 4.91 -4.29 -13.14
N LEU A 550 6.07 -3.78 -13.58
CA LEU A 550 6.99 -4.56 -14.45
C LEU A 550 7.58 -5.78 -13.76
N HIS A 551 7.93 -5.61 -12.48
CA HIS A 551 8.60 -6.69 -11.72
C HIS A 551 7.73 -7.90 -11.43
N TYR A 552 6.41 -7.75 -11.49
CA TYR A 552 5.51 -8.84 -11.18
C TYR A 552 5.65 -9.99 -12.16
N GLN A 553 6.14 -9.73 -13.37
CA GLN A 553 6.39 -10.82 -14.34
C GLN A 553 7.44 -11.86 -13.81
N LYS A 554 8.35 -11.40 -12.93
CA LYS A 554 9.44 -12.24 -12.40
C LYS A 554 9.10 -13.07 -11.18
N VAL A 555 7.89 -12.91 -10.62
CA VAL A 555 7.60 -13.55 -9.33
C VAL A 555 6.46 -14.56 -9.48
N ASP A 556 6.35 -15.47 -8.51
CA ASP A 556 5.23 -16.38 -8.53
C ASP A 556 3.96 -15.75 -7.93
N LEU A 557 4.11 -14.90 -6.90
CA LEU A 557 3.00 -14.54 -6.02
C LEU A 557 2.99 -13.03 -5.80
N PRO A 558 2.41 -12.28 -6.75
CA PRO A 558 2.25 -10.83 -6.50
C PRO A 558 1.45 -10.62 -5.23
N MET A 559 1.78 -9.57 -4.51
CA MET A 559 1.20 -9.38 -3.20
C MET A 559 0.89 -7.93 -2.97
N GLY A 560 -0.40 -7.64 -2.76
CA GLY A 560 -0.87 -6.30 -2.44
C GLY A 560 -0.94 -6.08 -0.93
N GLU A 561 -1.53 -4.96 -0.55
CA GLU A 561 -1.59 -4.57 0.84
C GLU A 561 -2.83 -3.70 1.05
N PHE A 562 -3.54 -3.92 2.14
CA PHE A 562 -4.71 -3.07 2.51
C PHE A 562 -4.75 -2.88 4.00
N TRP A 563 -5.09 -1.65 4.41
CA TRP A 563 -5.04 -1.28 5.83
C TRP A 563 -6.46 -1.10 6.40
N LEU A 564 -6.54 -1.31 7.71
CA LEU A 564 -7.74 -1.14 8.49
C LEU A 564 -7.69 0.21 9.21
N ASN A 565 -8.72 1.00 9.02
CA ASN A 565 -8.90 2.26 9.74
C ASN A 565 -7.65 3.15 9.71
N SER A 566 -7.00 3.24 8.55
CA SER A 566 -5.74 3.97 8.47
C SER A 566 -5.61 4.72 7.14
N PRO A 567 -6.50 5.68 6.91
CA PRO A 567 -6.48 6.34 5.61
C PRO A 567 -5.12 6.95 5.18
N THR A 568 -4.34 7.44 6.14
CA THR A 568 -3.09 8.12 5.83
C THR A 568 -2.01 7.15 5.42
N HIS A 569 -2.15 5.86 5.81
CA HIS A 569 -1.11 4.84 5.59
C HIS A 569 -1.53 3.73 4.63
N ASP A 570 -2.79 3.72 4.23
CA ASP A 570 -3.31 2.68 3.28
C ASP A 570 -2.65 2.87 1.90
N LYS A 571 -2.60 1.78 1.14
CA LYS A 571 -1.92 1.78 -0.14
C LYS A 571 -2.81 1.16 -1.23
N PRO A 572 -3.95 1.82 -1.54
CA PRO A 572 -4.84 1.24 -2.57
C PRO A 572 -4.16 1.10 -3.93
N ASN A 573 -3.28 2.06 -4.26
CA ASN A 573 -2.50 1.98 -5.49
C ASN A 573 -1.52 0.78 -5.49
N ASP A 574 -0.91 0.44 -4.36
CA ASP A 574 -0.10 -0.80 -4.26
C ASP A 574 -0.96 -2.01 -4.56
N MET A 575 -2.18 -2.03 -4.02
CA MET A 575 -3.09 -3.15 -4.29
C MET A 575 -3.36 -3.33 -5.79
N LEU A 576 -3.65 -2.21 -6.45
CA LEU A 576 -3.89 -2.27 -7.90
C LEU A 576 -2.64 -2.61 -8.70
N ASP A 577 -1.46 -2.21 -8.22
CA ASP A 577 -0.20 -2.64 -8.87
C ASP A 577 -0.10 -4.17 -8.87
N ALA A 578 -0.27 -4.74 -7.70
CA ALA A 578 -0.09 -6.18 -7.56
C ALA A 578 -1.17 -6.96 -8.32
N ILE A 579 -2.42 -6.52 -8.22
CA ILE A 579 -3.53 -7.21 -8.91
C ILE A 579 -3.40 -7.09 -10.42
N SER A 580 -3.20 -5.87 -10.92
CA SER A 580 -3.01 -5.64 -12.38
C SER A 580 -1.80 -6.44 -12.89
N GLY A 581 -0.71 -6.41 -12.12
CA GLY A 581 0.52 -7.13 -12.44
C GLY A 581 0.25 -8.64 -12.56
N ALA A 582 -0.44 -9.20 -11.56
CA ALA A 582 -0.83 -10.60 -11.60
C ALA A 582 -1.73 -10.96 -12.81
N HIS A 583 -2.73 -10.11 -13.04
CA HIS A 583 -3.66 -10.33 -14.14
C HIS A 583 -2.97 -10.35 -15.52
N ILE A 584 -2.09 -9.37 -15.79
CA ILE A 584 -1.47 -9.22 -17.11
C ILE A 584 -0.31 -10.18 -17.34
N TYR A 585 0.34 -10.57 -16.25
CA TYR A 585 1.40 -11.61 -16.34
C TYR A 585 1.00 -13.04 -16.02
N GLY A 586 -0.31 -13.27 -15.88
CA GLY A 586 -0.87 -14.62 -15.68
C GLY A 586 -0.48 -15.30 -14.38
N LYS A 587 -0.41 -14.56 -13.28
CA LYS A 587 -0.17 -15.15 -11.96
C LYS A 587 -1.52 -15.36 -11.26
N ASN A 588 -1.90 -16.60 -11.04
CA ASN A 588 -3.27 -16.87 -10.58
C ASN A 588 -3.54 -16.56 -9.10
N ILE A 589 -2.53 -16.74 -8.24
CA ILE A 589 -2.71 -16.53 -6.81
C ILE A 589 -2.16 -15.14 -6.53
N ILE A 590 -3.04 -14.31 -5.96
CA ILE A 590 -2.70 -12.94 -5.61
C ILE A 590 -2.83 -12.80 -4.10
N GLN A 591 -1.67 -12.62 -3.45
CA GLN A 591 -1.60 -12.53 -2.00
C GLN A 591 -1.90 -11.10 -1.58
N ALA A 592 -2.26 -10.93 -0.31
CA ALA A 592 -2.47 -9.59 0.20
C ALA A 592 -2.11 -9.52 1.68
N GLU A 593 -1.31 -8.52 2.03
CA GLU A 593 -1.00 -8.17 3.40
C GLU A 593 -2.17 -7.34 3.91
N GLY A 594 -3.01 -7.93 4.76
CA GLY A 594 -4.29 -7.31 5.14
C GLY A 594 -4.47 -6.98 6.60
N PHE A 595 -5.14 -5.86 6.83
CA PHE A 595 -5.64 -5.42 8.11
C PHE A 595 -4.61 -4.58 8.89
N THR A 596 -3.50 -4.19 8.28
CA THR A 596 -2.50 -3.40 8.95
C THR A 596 -3.20 -2.15 9.45
N GLU A 597 -2.89 -1.82 10.69
CA GLU A 597 -3.59 -0.80 11.39
C GLU A 597 -2.62 0.16 12.06
N VAL A 598 -2.63 1.45 11.67
CA VAL A 598 -1.59 2.36 12.15
C VAL A 598 -1.65 2.57 13.67
N ARG A 599 -2.84 2.57 14.24
CA ARG A 599 -3.05 2.50 15.68
C ARG A 599 -4.16 1.55 16.04
N GLY A 600 -3.79 0.37 16.54
CA GLY A 600 -4.77 -0.59 17.04
C GLY A 600 -5.24 -0.10 18.42
N THR A 601 -6.56 -0.21 18.66
CA THR A 601 -7.17 0.21 19.93
C THR A 601 -7.97 -0.88 20.69
N TRP A 602 -7.83 -2.14 20.26
CA TRP A 602 -8.31 -3.30 21.06
C TRP A 602 -9.81 -3.54 21.03
N ASN A 603 -10.50 -2.90 20.10
CA ASN A 603 -11.93 -3.14 19.88
C ASN A 603 -12.22 -3.87 18.60
N GLU A 604 -11.17 -4.35 17.95
CA GLU A 604 -11.30 -5.00 16.67
C GLU A 604 -11.64 -6.49 16.93
N HIS A 605 -12.53 -7.01 16.10
CA HIS A 605 -12.92 -8.43 16.08
C HIS A 605 -13.39 -8.74 14.63
N PRO A 606 -13.52 -10.03 14.27
CA PRO A 606 -13.79 -10.42 12.87
C PRO A 606 -15.00 -9.76 12.24
N GLY A 607 -16.04 -9.56 13.03
CA GLY A 607 -17.24 -8.92 12.60
C GLY A 607 -17.06 -7.59 11.92
N ILE A 608 -16.06 -6.80 12.35
CA ILE A 608 -15.81 -5.50 11.74
C ILE A 608 -14.63 -5.52 10.74
N LEU A 609 -14.12 -6.70 10.41
CA LEU A 609 -13.12 -6.91 9.39
C LEU A 609 -13.71 -7.44 8.05
N LYS A 610 -14.94 -7.93 8.09
CA LYS A 610 -15.50 -8.67 6.97
C LYS A 610 -15.67 -7.79 5.75
N ALA A 611 -16.32 -6.64 5.90
CA ALA A 611 -16.60 -5.76 4.72
C ALA A 611 -15.29 -5.33 4.01
N LEU A 612 -14.28 -5.02 4.82
CA LEU A 612 -13.00 -4.58 4.32
C LEU A 612 -12.35 -5.71 3.51
N LEU A 613 -12.34 -6.90 4.09
CA LEU A 613 -11.82 -8.06 3.36
C LEU A 613 -12.56 -8.25 2.01
N ASP A 614 -13.87 -8.22 2.09
CA ASP A 614 -14.75 -8.46 0.90
C ASP A 614 -14.50 -7.52 -0.24
N ARG A 615 -14.29 -6.23 0.05
CA ARG A 615 -14.03 -5.31 -1.04
C ARG A 615 -12.65 -5.51 -1.66
N ASN A 616 -11.73 -6.15 -0.94
CA ASN A 616 -10.43 -6.46 -1.51
C ASN A 616 -10.50 -7.81 -2.29
N TYR A 617 -11.36 -8.73 -1.85
CA TYR A 617 -11.68 -9.87 -2.70
C TYR A 617 -12.29 -9.39 -4.04
N ALA A 618 -13.14 -8.37 -3.96
CA ALA A 618 -13.76 -7.82 -5.18
C ALA A 618 -12.72 -7.25 -6.14
N LEU A 619 -11.68 -6.62 -5.58
CA LEU A 619 -10.57 -6.12 -6.41
C LEU A 619 -9.80 -7.23 -7.13
N GLY A 620 -9.72 -8.41 -6.55
CA GLY A 620 -8.99 -9.53 -7.14
C GLY A 620 -8.04 -10.31 -6.23
N ILE A 621 -7.90 -9.99 -4.93
CA ILE A 621 -6.96 -10.80 -4.09
C ILE A 621 -7.59 -12.18 -3.87
N ASN A 622 -6.76 -13.22 -3.72
CA ASN A 622 -7.32 -14.54 -3.34
C ASN A 622 -6.52 -15.38 -2.34
N ARG A 623 -5.48 -14.83 -1.72
CA ARG A 623 -4.89 -15.43 -0.53
C ARG A 623 -4.44 -14.35 0.44
N LEU A 624 -5.28 -14.16 1.46
CA LEU A 624 -5.02 -13.25 2.55
C LEU A 624 -3.86 -13.67 3.45
N PHE A 625 -3.02 -12.69 3.77
CA PHE A 625 -2.04 -12.78 4.85
C PHE A 625 -2.43 -11.73 5.90
N PHE A 626 -2.75 -12.20 7.11
CA PHE A 626 -3.02 -11.29 8.24
C PHE A 626 -1.78 -10.51 8.63
N HIS A 627 -1.92 -9.19 8.76
CA HIS A 627 -0.93 -8.36 9.36
C HIS A 627 -1.60 -7.92 10.67
N VAL A 628 -1.20 -8.47 11.81
CA VAL A 628 0.03 -9.26 12.01
C VAL A 628 -0.09 -10.10 13.28
N TYR A 629 0.58 -11.24 13.25
CA TYR A 629 0.63 -12.13 14.38
C TYR A 629 1.98 -11.86 15.04
N VAL A 630 1.95 -11.21 16.22
CA VAL A 630 3.19 -11.00 16.96
C VAL A 630 3.42 -12.12 17.98
N HIS A 631 4.65 -12.59 18.02
CA HIS A 631 5.09 -13.55 19.01
C HIS A 631 5.11 -12.98 20.44
N ASN A 632 4.32 -13.55 21.32
CA ASN A 632 4.29 -13.13 22.71
C ASN A 632 5.07 -14.20 23.50
N PRO A 633 6.31 -13.87 23.90
CA PRO A 633 7.14 -14.90 24.56
C PRO A 633 6.73 -15.29 25.96
N TRP A 634 5.94 -14.46 26.65
CA TRP A 634 5.46 -14.74 28.00
C TRP A 634 4.10 -15.44 28.00
N LEU A 635 4.02 -16.59 28.64
CA LEU A 635 2.75 -17.31 28.79
C LEU A 635 1.82 -16.73 29.86
N ASP A 636 2.26 -15.76 30.63
CA ASP A 636 1.46 -15.18 31.72
C ASP A 636 1.19 -13.66 31.57
N ARG A 637 1.36 -13.14 30.36
CA ARG A 637 1.06 -11.75 30.06
C ARG A 637 0.11 -11.73 28.88
N LYS A 638 -1.04 -11.08 29.04
CA LYS A 638 -2.01 -10.99 27.93
C LYS A 638 -2.56 -9.57 27.85
N PRO A 639 -2.83 -9.03 26.66
CA PRO A 639 -2.65 -9.70 25.35
C PRO A 639 -1.17 -9.79 24.85
N GLY A 640 -0.24 -9.13 25.54
CA GLY A 640 1.18 -9.35 25.34
C GLY A 640 1.87 -8.47 24.31
N MET A 641 3.00 -8.97 23.80
CA MET A 641 3.82 -8.24 22.84
C MET A 641 3.08 -7.94 21.55
N THR A 642 3.25 -6.73 21.07
CA THR A 642 2.76 -6.26 19.79
C THR A 642 3.86 -5.48 19.09
N LEU A 643 3.54 -5.07 17.87
CA LEU A 643 4.41 -4.21 17.07
C LEU A 643 4.22 -2.74 17.53
N ASP A 644 4.57 -2.49 18.78
CA ASP A 644 4.30 -1.18 19.44
C ASP A 644 2.92 -0.60 19.06
N GLY A 645 1.87 -1.42 19.18
CA GLY A 645 0.48 -0.97 19.00
C GLY A 645 -0.02 -0.79 17.58
N ILE A 646 0.79 -1.19 16.60
CA ILE A 646 0.37 -1.31 15.20
C ILE A 646 -0.34 -2.67 15.04
N GLY A 647 -1.56 -2.61 14.54
CA GLY A 647 -2.39 -3.80 14.40
C GLY A 647 -2.32 -4.37 12.99
N LEU A 648 -3.23 -5.26 12.64
CA LEU A 648 -4.25 -5.88 13.50
C LEU A 648 -3.61 -6.78 14.53
N PHE A 649 -4.11 -6.77 15.77
CA PHE A 649 -3.58 -7.64 16.82
C PHE A 649 -4.16 -9.07 16.66
N PHE A 650 -3.56 -9.84 15.76
CA PHE A 650 -4.10 -11.11 15.37
C PHE A 650 -3.20 -12.19 15.94
N GLN A 651 -3.46 -12.60 17.18
CA GLN A 651 -2.59 -13.55 17.86
C GLN A 651 -3.28 -14.30 19.00
N ARG A 652 -2.62 -15.33 19.51
CA ARG A 652 -3.24 -16.32 20.38
C ARG A 652 -3.89 -15.74 21.63
N ASP A 653 -3.34 -14.66 22.17
CA ASP A 653 -3.91 -14.03 23.38
C ASP A 653 -5.05 -13.04 23.13
N GLN A 654 -5.47 -12.90 21.87
CA GLN A 654 -6.79 -12.33 21.56
C GLN A 654 -7.89 -13.05 22.32
N THR A 655 -8.80 -12.27 22.88
CA THR A 655 -9.98 -12.85 23.50
C THR A 655 -10.70 -13.84 22.57
N TRP A 656 -10.79 -13.47 21.30
CA TRP A 656 -11.57 -14.23 20.29
C TRP A 656 -10.72 -15.17 19.41
N TRP A 657 -9.50 -15.52 19.83
CA TRP A 657 -8.65 -16.30 18.97
C TRP A 657 -9.24 -17.71 18.71
N ASN A 658 -9.48 -18.43 19.79
CA ASN A 658 -9.76 -19.87 19.66
C ASN A 658 -10.99 -20.18 18.79
N LYS A 659 -12.08 -19.44 18.99
CA LYS A 659 -13.28 -19.64 18.17
C LYS A 659 -13.49 -18.66 17.04
N GLY A 660 -13.16 -17.38 17.31
CA GLY A 660 -13.31 -16.31 16.36
C GLY A 660 -12.35 -16.33 15.20
N ALA A 661 -11.03 -16.50 15.46
CA ALA A 661 -10.07 -16.59 14.35
C ALA A 661 -10.35 -17.80 13.47
N LYS A 662 -10.73 -18.92 14.12
CA LYS A 662 -11.10 -20.16 13.42
C LYS A 662 -12.31 -19.98 12.52
N ALA A 663 -13.43 -19.48 13.06
CA ALA A 663 -14.60 -19.24 12.23
C ALA A 663 -14.33 -18.26 11.09
N PHE A 664 -13.56 -17.20 11.35
CA PHE A 664 -13.23 -16.23 10.30
C PHE A 664 -12.38 -16.88 9.19
N CYS A 665 -11.37 -17.66 9.61
CA CYS A 665 -10.51 -18.36 8.68
C CYS A 665 -11.26 -19.41 7.85
N GLU A 666 -12.29 -20.02 8.43
CA GLU A 666 -13.14 -20.94 7.69
C GLU A 666 -13.90 -20.22 6.55
N TYR A 667 -14.52 -19.10 6.87
CA TYR A 667 -15.08 -18.21 5.84
C TYR A 667 -14.08 -17.84 4.76
N ILE A 668 -12.89 -17.42 5.20
CA ILE A 668 -11.84 -16.98 4.28
C ILE A 668 -11.44 -18.13 3.34
N THR A 669 -11.29 -19.32 3.88
CA THR A 669 -10.87 -20.49 3.10
C THR A 669 -11.92 -20.87 2.04
N ARG A 670 -13.19 -20.89 2.42
CA ARG A 670 -14.26 -21.13 1.47
C ARG A 670 -14.25 -20.10 0.35
N CYS A 671 -14.11 -18.80 0.70
CA CYS A 671 -14.08 -17.75 -0.31
C CYS A 671 -12.88 -17.99 -1.25
N GLN A 672 -11.73 -18.29 -0.67
CA GLN A 672 -10.51 -18.40 -1.48
C GLN A 672 -10.51 -19.62 -2.36
N SER A 673 -11.21 -20.67 -1.96
CA SER A 673 -11.37 -21.86 -2.77
C SER A 673 -12.01 -21.53 -4.13
N LEU A 674 -13.02 -20.67 -4.10
CA LEU A 674 -13.68 -20.25 -5.35
C LEU A 674 -12.94 -19.12 -6.04
N LEU A 675 -12.38 -18.17 -5.25
CA LEU A 675 -11.65 -17.05 -5.82
C LEU A 675 -10.27 -17.39 -6.41
N GLN A 676 -9.80 -18.63 -6.21
CA GLN A 676 -8.64 -19.18 -6.91
C GLN A 676 -8.99 -20.07 -8.12
N TYR A 677 -10.29 -20.27 -8.34
CA TYR A 677 -10.79 -21.13 -9.42
C TYR A 677 -10.75 -20.40 -10.77
N GLY A 678 -10.28 -21.10 -11.79
CA GLY A 678 -10.34 -20.56 -13.15
C GLY A 678 -9.54 -19.28 -13.32
N HIS A 679 -10.13 -18.34 -14.07
CA HIS A 679 -9.49 -17.07 -14.40
C HIS A 679 -10.42 -15.92 -14.05
N PRO A 680 -9.83 -14.79 -13.56
CA PRO A 680 -10.68 -13.62 -13.32
C PRO A 680 -11.10 -13.01 -14.65
N VAL A 681 -12.28 -12.44 -14.66
CA VAL A 681 -12.87 -11.76 -15.82
C VAL A 681 -12.73 -10.24 -15.68
N ALA A 682 -12.16 -9.60 -16.69
CA ALA A 682 -12.17 -8.13 -16.76
C ALA A 682 -12.22 -7.69 -18.20
N ASP A 683 -13.23 -6.88 -18.52
CA ASP A 683 -13.45 -6.41 -19.89
C ASP A 683 -12.56 -5.27 -20.38
N ILE A 684 -11.99 -4.51 -19.44
CA ILE A 684 -11.29 -3.27 -19.79
C ILE A 684 -9.80 -3.31 -19.38
N ALA A 685 -8.93 -2.96 -20.31
CA ALA A 685 -7.52 -2.73 -20.05
C ALA A 685 -7.26 -1.24 -20.21
N VAL A 686 -6.51 -0.66 -19.30
CA VAL A 686 -6.22 0.77 -19.33
C VAL A 686 -4.71 0.93 -19.40
N PHE A 687 -4.24 1.60 -20.47
CA PHE A 687 -2.79 1.74 -20.76
C PHE A 687 -2.16 2.69 -19.74
N THR A 688 -1.00 2.31 -19.18
CA THR A 688 -0.32 3.12 -18.14
C THR A 688 0.71 4.10 -18.71
N GLY A 689 0.91 4.08 -20.02
CA GLY A 689 1.60 5.18 -20.72
C GLY A 689 3.11 5.02 -20.77
N GLU A 690 3.80 6.10 -21.13
CA GLU A 690 5.26 6.05 -21.38
C GLU A 690 6.13 6.95 -20.50
N GLU A 691 5.52 7.54 -19.48
CA GLU A 691 6.27 8.35 -18.54
C GLU A 691 7.01 7.42 -17.56
N MET A 692 8.06 7.92 -16.94
CA MET A 692 8.70 7.23 -15.83
C MET A 692 8.86 8.21 -14.68
N PRO A 693 8.60 7.77 -13.45
CA PRO A 693 8.06 6.46 -13.12
C PRO A 693 6.60 6.34 -13.54
N ARG A 694 6.10 5.12 -13.56
CA ARG A 694 4.68 4.89 -13.79
C ARG A 694 4.24 3.67 -12.98
N ARG A 695 2.94 3.44 -12.92
CA ARG A 695 2.36 2.36 -12.14
C ARG A 695 0.87 2.21 -12.55
N SER A 696 0.15 1.35 -11.87
CA SER A 696 -1.29 1.20 -12.11
C SER A 696 -2.05 2.52 -11.83
N ILE A 697 -3.24 2.63 -12.41
CA ILE A 697 -4.07 3.86 -12.31
C ILE A 697 -5.24 3.62 -11.38
N LEU A 698 -5.35 4.49 -10.35
CA LEU A 698 -6.47 4.46 -9.46
C LEU A 698 -7.74 4.86 -10.21
N PRO A 699 -8.89 4.28 -9.84
CA PRO A 699 -10.15 4.65 -10.56
C PRO A 699 -10.44 6.12 -10.60
N GLU A 700 -10.20 6.82 -9.47
CA GLU A 700 -10.46 8.26 -9.42
C GLU A 700 -9.79 9.02 -10.58
N ARG A 701 -8.56 8.61 -10.92
CA ARG A 701 -7.80 9.27 -11.98
C ARG A 701 -8.33 9.05 -13.42
N LEU A 702 -9.24 8.08 -13.61
CA LEU A 702 -9.86 7.78 -14.91
C LEU A 702 -11.22 8.46 -15.06
N VAL A 703 -11.70 9.10 -14.00
CA VAL A 703 -12.99 9.75 -14.07
C VAL A 703 -13.06 10.79 -15.22
N PRO A 704 -12.02 11.65 -15.42
CA PRO A 704 -12.10 12.57 -16.58
C PRO A 704 -12.08 11.85 -17.93
N SER A 705 -11.46 10.66 -18.01
CA SER A 705 -11.41 9.90 -19.25
C SER A 705 -12.75 9.17 -19.60
N LEU A 706 -13.44 8.68 -18.57
CA LEU A 706 -14.62 7.85 -18.74
C LEU A 706 -15.82 8.36 -17.88
N PRO A 707 -16.15 9.65 -18.00
CA PRO A 707 -17.15 10.22 -17.11
C PRO A 707 -18.52 9.50 -17.20
N GLY A 708 -18.85 9.01 -18.40
CA GLY A 708 -20.10 8.31 -18.59
C GLY A 708 -20.13 6.95 -17.89
N ILE A 709 -18.99 6.25 -17.87
CA ILE A 709 -18.91 4.96 -17.23
C ILE A 709 -19.07 5.09 -15.71
N PHE A 710 -18.34 6.04 -15.14
CA PHE A 710 -18.44 6.33 -13.69
C PHE A 710 -19.81 6.89 -13.27
N GLY A 711 -20.41 7.66 -14.17
CA GLY A 711 -21.68 8.32 -13.88
C GLY A 711 -21.59 9.74 -13.37
N ALA A 712 -22.71 10.43 -13.51
CA ALA A 712 -22.76 11.85 -13.25
C ALA A 712 -22.58 12.18 -11.77
N GLU A 713 -23.12 11.32 -10.91
CA GLU A 713 -23.03 11.49 -9.47
C GLU A 713 -21.57 11.38 -8.99
N ARG A 714 -20.82 10.41 -9.55
CA ARG A 714 -19.38 10.31 -9.31
C ARG A 714 -18.59 11.50 -9.84
N VAL A 715 -18.92 11.94 -11.05
CA VAL A 715 -18.26 13.13 -11.62
C VAL A 715 -18.41 14.32 -10.65
N GLU A 716 -19.62 14.46 -10.11
CA GLU A 716 -19.96 15.54 -9.21
C GLU A 716 -19.30 15.39 -7.85
N SER A 717 -19.32 14.19 -7.27
CA SER A 717 -18.63 13.99 -6.00
C SER A 717 -17.11 14.28 -6.11
N GLU A 718 -16.48 13.88 -7.20
CA GLU A 718 -15.07 14.18 -7.44
C GLU A 718 -14.79 15.70 -7.60
N ARG A 719 -15.68 16.42 -8.29
CA ARG A 719 -15.51 17.86 -8.45
C ARG A 719 -15.43 18.51 -7.07
N ILE A 720 -16.35 18.12 -6.18
CA ILE A 720 -16.42 18.68 -4.82
C ILE A 720 -15.19 18.23 -3.99
N ARG A 721 -14.84 16.97 -4.06
CA ARG A 721 -13.72 16.44 -3.26
C ARG A 721 -12.42 17.11 -3.65
N LEU A 722 -12.16 17.21 -4.97
CA LEU A 722 -10.96 17.81 -5.47
C LEU A 722 -10.94 19.34 -5.29
N ALA A 723 -12.10 20.01 -5.34
CA ALA A 723 -12.15 21.44 -4.98
C ALA A 723 -11.66 21.61 -3.54
N ASN A 724 -11.99 20.67 -2.66
CA ASN A 724 -11.36 20.57 -1.32
C ASN A 724 -11.48 21.92 -0.51
N GLU A 725 -12.68 22.49 -0.52
CA GLU A 725 -12.90 23.86 -0.05
C GLU A 725 -12.69 23.86 1.44
N GLY A 726 -11.89 24.80 1.92
CA GLY A 726 -11.54 24.91 3.36
C GLY A 726 -10.45 23.89 3.80
N GLN A 727 -9.95 23.04 2.91
CA GLN A 727 -8.95 22.03 3.31
C GLN A 727 -9.27 21.32 4.64
N PRO A 728 -10.47 20.70 4.74
CA PRO A 728 -10.92 20.18 6.04
C PRO A 728 -10.05 19.05 6.57
N LEU A 729 -9.93 19.00 7.88
CA LEU A 729 -9.21 17.94 8.59
C LEU A 729 -10.15 16.85 9.16
N ARG A 730 -9.62 15.64 9.22
CA ARG A 730 -10.23 14.53 9.92
C ARG A 730 -9.18 13.86 10.83
N VAL A 731 -9.63 13.31 11.95
CA VAL A 731 -8.80 12.53 12.85
C VAL A 731 -9.24 11.08 12.73
N ARG A 732 -8.40 10.23 12.14
CA ARG A 732 -8.70 8.80 12.06
C ARG A 732 -7.38 8.06 11.77
N PRO A 733 -6.95 7.13 12.62
CA PRO A 733 -7.56 6.83 13.92
C PRO A 733 -7.22 7.94 14.93
N VAL A 734 -7.58 7.69 16.19
CA VAL A 734 -7.18 8.58 17.33
C VAL A 734 -5.73 9.03 17.16
N GLY A 735 -5.50 10.34 17.22
CA GLY A 735 -4.19 10.91 17.13
C GLY A 735 -3.58 11.12 15.76
N VAL A 736 -4.30 10.84 14.67
CA VAL A 736 -3.77 10.97 13.32
C VAL A 736 -4.63 11.97 12.55
N THR A 737 -4.17 13.21 12.53
CA THR A 737 -4.93 14.31 11.87
C THR A 737 -4.49 14.47 10.40
N HIS A 738 -5.43 14.47 9.46
CA HIS A 738 -5.08 14.48 8.05
C HIS A 738 -6.15 15.14 7.15
N SER A 739 -5.87 15.16 5.85
CA SER A 739 -6.76 15.68 4.80
C SER A 739 -8.09 14.89 4.75
N ALA A 740 -9.18 15.53 5.14
CA ALA A 740 -10.50 14.83 5.15
C ALA A 740 -10.93 14.40 3.74
N ASN A 741 -10.54 15.15 2.71
CA ASN A 741 -10.96 14.78 1.32
C ASN A 741 -10.02 13.82 0.61
N MET A 742 -9.07 13.22 1.35
CA MET A 742 -8.22 12.16 0.85
C MET A 742 -9.09 11.09 0.23
N SER A 743 -8.69 10.54 -0.89
CA SER A 743 -9.51 9.46 -1.45
C SER A 743 -9.44 8.26 -0.50
N ASP A 744 -10.59 7.65 -0.37
CA ASP A 744 -10.86 6.61 0.55
C ASP A 744 -11.36 5.40 -0.26
N PRO A 745 -10.59 4.28 -0.26
CA PRO A 745 -11.00 3.16 -1.16
C PRO A 745 -12.31 2.50 -0.78
N GLU A 746 -12.76 2.71 0.47
CA GLU A 746 -14.09 2.30 0.87
C GLU A 746 -15.20 2.94 0.07
N LYS A 747 -14.95 4.14 -0.49
CA LYS A 747 -15.94 4.84 -1.32
C LYS A 747 -15.79 4.58 -2.84
N TRP A 748 -14.97 3.61 -3.21
CA TRP A 748 -14.74 3.27 -4.62
C TRP A 748 -15.08 1.81 -4.89
N VAL A 749 -16.15 1.30 -4.29
CA VAL A 749 -16.63 -0.06 -4.60
C VAL A 749 -17.38 -0.03 -5.95
N ASN A 750 -17.07 -0.97 -6.86
CA ASN A 750 -17.77 -1.07 -8.15
C ASN A 750 -17.86 0.30 -8.89
N PRO A 751 -16.69 0.99 -9.03
CA PRO A 751 -16.76 2.35 -9.54
C PRO A 751 -17.12 2.48 -11.01
N LEU A 752 -16.90 1.41 -11.80
CA LEU A 752 -17.35 1.41 -13.21
C LEU A 752 -18.77 0.85 -13.42
N ARG A 753 -19.49 0.60 -12.32
CA ARG A 753 -20.89 0.26 -12.36
C ARG A 753 -21.14 -0.94 -13.26
N GLY A 754 -20.37 -2.00 -13.02
CA GLY A 754 -20.62 -3.30 -13.64
C GLY A 754 -19.58 -3.85 -14.58
N TYR A 755 -18.48 -3.12 -14.75
CA TYR A 755 -17.29 -3.61 -15.43
C TYR A 755 -16.10 -3.63 -14.47
N ALA A 756 -15.14 -4.48 -14.78
CA ALA A 756 -13.85 -4.51 -14.08
C ALA A 756 -12.76 -4.13 -15.07
N TYR A 757 -11.67 -3.58 -14.55
CA TYR A 757 -10.52 -3.18 -15.36
C TYR A 757 -9.18 -3.56 -14.72
N ASP A 758 -8.16 -3.82 -15.56
CA ASP A 758 -6.78 -3.85 -15.12
C ASP A 758 -6.00 -2.73 -15.76
N SER A 759 -5.01 -2.22 -15.04
CA SER A 759 -3.97 -1.44 -15.65
C SER A 759 -3.01 -2.37 -16.42
N PHE A 760 -2.49 -1.82 -17.49
CA PHE A 760 -1.85 -2.55 -18.57
C PHE A 760 -0.68 -1.74 -19.10
N ASN A 761 0.52 -2.31 -19.11
CA ASN A 761 1.72 -1.55 -19.46
C ASN A 761 2.27 -1.81 -20.88
N LYS A 762 3.21 -0.99 -21.26
CA LYS A 762 3.94 -1.11 -22.55
C LYS A 762 4.53 -2.49 -22.76
N ASP A 763 5.20 -3.01 -21.74
CA ASP A 763 5.75 -4.38 -21.80
C ASP A 763 4.69 -5.41 -22.22
N ALA A 764 3.56 -5.41 -21.53
CA ALA A 764 2.52 -6.38 -21.81
C ALA A 764 1.92 -6.20 -23.22
N LEU A 765 1.70 -4.94 -23.59
CA LEU A 765 1.22 -4.57 -24.94
C LEU A 765 2.12 -5.12 -26.05
N LEU A 766 3.41 -4.93 -25.94
CA LEU A 766 4.36 -5.27 -27.00
C LEU A 766 4.82 -6.72 -26.99
N ARG A 767 5.07 -7.26 -25.80
CA ARG A 767 5.62 -8.62 -25.65
C ARG A 767 4.55 -9.70 -25.57
N LEU A 768 3.35 -9.37 -25.12
CA LEU A 768 2.38 -10.41 -24.74
C LEU A 768 1.02 -10.31 -25.41
N ALA A 769 0.51 -9.11 -25.67
CA ALA A 769 -0.86 -8.99 -26.19
C ALA A 769 -1.01 -9.62 -27.58
N LYS A 770 -2.11 -10.35 -27.77
CA LYS A 770 -2.53 -10.89 -29.04
C LYS A 770 -4.02 -10.58 -29.22
N ALA A 771 -4.46 -10.45 -30.46
CA ALA A 771 -5.88 -10.29 -30.78
C ALA A 771 -6.48 -11.65 -31.15
N GLU A 772 -7.52 -12.06 -30.43
CA GLU A 772 -8.25 -13.30 -30.73
C GLU A 772 -9.74 -13.00 -30.67
N ASN A 773 -10.42 -13.14 -31.80
CA ASN A 773 -11.86 -12.99 -31.83
C ASN A 773 -12.33 -11.61 -31.33
N GLY A 774 -11.61 -10.57 -31.71
CA GLY A 774 -11.98 -9.21 -31.33
C GLY A 774 -11.67 -8.82 -29.88
N ARG A 775 -10.90 -9.65 -29.15
CA ARG A 775 -10.44 -9.29 -27.79
C ARG A 775 -8.92 -9.34 -27.71
N MET A 776 -8.35 -8.54 -26.80
CA MET A 776 -6.92 -8.53 -26.53
C MET A 776 -6.64 -9.57 -25.46
N THR A 777 -5.84 -10.59 -25.78
CA THR A 777 -5.57 -11.67 -24.86
C THR A 777 -4.12 -11.69 -24.43
N LEU A 778 -3.88 -12.30 -23.26
CA LEU A 778 -2.55 -12.42 -22.69
C LEU A 778 -2.43 -13.83 -22.13
N PRO A 779 -1.21 -14.41 -22.15
CA PRO A 779 -1.07 -15.74 -21.53
C PRO A 779 -1.57 -15.74 -20.07
N GLY A 780 -2.24 -16.83 -19.68
CA GLY A 780 -2.77 -17.01 -18.33
C GLY A 780 -4.24 -16.62 -18.13
N GLY A 781 -4.90 -16.17 -19.20
CA GLY A 781 -6.36 -16.00 -19.22
C GLY A 781 -6.96 -14.61 -19.31
N ALA A 782 -6.13 -13.57 -19.21
CA ALA A 782 -6.61 -12.22 -19.43
C ALA A 782 -7.20 -12.10 -20.82
N SER A 783 -8.35 -11.41 -20.90
CA SER A 783 -9.03 -11.19 -22.19
C SER A 783 -9.95 -9.95 -22.12
N TYR A 784 -9.50 -8.88 -22.74
CA TYR A 784 -10.12 -7.57 -22.69
C TYR A 784 -10.80 -7.20 -24.02
N LYS A 785 -11.97 -6.60 -23.99
CA LYS A 785 -12.63 -6.09 -25.18
C LYS A 785 -12.27 -4.63 -25.45
N VAL A 786 -11.96 -3.88 -24.38
CA VAL A 786 -11.74 -2.45 -24.45
C VAL A 786 -10.31 -2.12 -24.03
N LEU A 787 -9.62 -1.28 -24.80
CA LEU A 787 -8.32 -0.73 -24.42
C LEU A 787 -8.45 0.79 -24.34
N VAL A 788 -8.38 1.30 -23.11
CA VAL A 788 -8.46 2.72 -22.87
C VAL A 788 -7.05 3.32 -22.90
N LEU A 789 -6.92 4.41 -23.66
CA LEU A 789 -5.69 5.20 -23.74
C LEU A 789 -5.96 6.51 -23.05
N PRO A 790 -5.67 6.60 -21.76
CA PRO A 790 -6.22 7.75 -21.03
C PRO A 790 -5.73 9.16 -21.43
N LEU A 791 -6.56 10.16 -21.11
CA LEU A 791 -6.20 11.55 -21.25
C LEU A 791 -4.94 11.83 -20.42
N PRO A 792 -4.26 12.96 -20.69
CA PRO A 792 -3.21 13.45 -19.79
C PRO A 792 -3.76 13.52 -18.37
N ARG A 793 -2.94 13.12 -17.42
CA ARG A 793 -3.34 12.90 -16.02
C ARG A 793 -2.15 13.28 -15.07
N PRO A 794 -2.38 13.43 -13.77
CA PRO A 794 -1.30 13.90 -12.88
C PRO A 794 0.05 13.15 -12.99
N MET A 795 -0.01 11.82 -13.13
CA MET A 795 1.20 11.01 -13.28
C MET A 795 1.76 10.95 -14.70
N ASN A 796 1.02 11.50 -15.67
CA ASN A 796 1.47 11.58 -17.08
C ASN A 796 0.93 12.87 -17.70
N PRO A 797 1.44 13.99 -17.21
CA PRO A 797 0.86 15.31 -17.57
C PRO A 797 1.21 15.86 -18.96
N ASP A 798 2.34 15.42 -19.55
CA ASP A 798 2.81 15.99 -20.83
C ASP A 798 1.78 15.86 -21.96
N PRO A 799 1.24 14.68 -22.25
CA PRO A 799 1.72 13.38 -21.80
C PRO A 799 2.92 12.91 -22.62
N ALA A 800 3.58 11.85 -22.15
CA ALA A 800 4.78 11.36 -22.81
C ALA A 800 4.33 10.76 -24.15
N ALA A 801 5.01 11.14 -25.24
CA ALA A 801 4.63 10.71 -26.59
C ALA A 801 4.66 9.18 -26.72
N LEU A 802 3.68 8.65 -27.45
CA LEU A 802 3.62 7.21 -27.74
C LEU A 802 4.74 6.84 -28.73
N SER A 803 5.47 5.78 -28.42
CA SER A 803 6.55 5.33 -29.27
C SER A 803 5.96 4.70 -30.54
N PRO A 804 6.74 4.71 -31.65
CA PRO A 804 6.22 4.12 -32.90
C PRO A 804 5.67 2.68 -32.74
N GLU A 805 6.36 1.86 -31.95
CA GLU A 805 6.00 0.44 -31.73
C GLU A 805 4.66 0.33 -31.00
N VAL A 806 4.42 1.23 -30.06
CA VAL A 806 3.13 1.27 -29.38
C VAL A 806 2.00 1.71 -30.30
N LYS A 807 2.21 2.75 -31.10
CA LYS A 807 1.16 3.18 -32.03
C LYS A 807 0.82 2.06 -33.02
N GLN A 808 1.84 1.37 -33.50
CA GLN A 808 1.65 0.30 -34.45
C GLN A 808 0.81 -0.82 -33.88
N LYS A 809 1.18 -1.29 -32.68
CA LYS A 809 0.43 -2.33 -32.00
C LYS A 809 -1.02 -1.90 -31.67
N ILE A 810 -1.22 -0.65 -31.25
CA ILE A 810 -2.59 -0.14 -31.00
C ILE A 810 -3.43 -0.26 -32.26
N ASN A 811 -2.93 0.32 -33.35
CA ASN A 811 -3.58 0.22 -34.67
C ASN A 811 -3.86 -1.22 -35.08
N GLU A 812 -2.91 -2.12 -34.85
CA GLU A 812 -3.15 -3.56 -35.13
C GLU A 812 -4.29 -4.13 -34.32
N LEU A 813 -4.31 -3.83 -33.02
CA LEU A 813 -5.40 -4.26 -32.17
C LEU A 813 -6.72 -3.63 -32.62
N LYS A 814 -6.72 -2.35 -32.93
CA LYS A 814 -7.89 -1.64 -33.44
C LYS A 814 -8.48 -2.33 -34.69
N GLU A 815 -7.64 -2.58 -35.70
CA GLU A 815 -8.12 -3.28 -36.93
C GLU A 815 -8.66 -4.69 -36.65
N ALA A 816 -8.16 -5.36 -35.61
CA ALA A 816 -8.66 -6.70 -35.26
C ALA A 816 -9.93 -6.71 -34.38
N GLY A 817 -10.53 -5.55 -34.11
CA GLY A 817 -11.81 -5.46 -33.39
C GLY A 817 -11.79 -4.97 -31.94
N ILE A 818 -10.61 -4.79 -31.36
CA ILE A 818 -10.51 -4.29 -29.97
C ILE A 818 -11.09 -2.87 -29.97
N LEU A 819 -11.96 -2.56 -29.00
CA LEU A 819 -12.57 -1.22 -28.88
CA LEU A 819 -12.56 -1.22 -28.90
C LEU A 819 -11.60 -0.22 -28.23
N ILE A 820 -11.24 0.84 -28.95
CA ILE A 820 -10.37 1.90 -28.44
C ILE A 820 -11.27 3.13 -28.39
N PRO A 821 -11.97 3.32 -27.27
CA PRO A 821 -12.94 4.39 -27.26
C PRO A 821 -12.29 5.77 -27.33
N SER A 822 -13.04 6.70 -27.91
CA SER A 822 -12.61 8.08 -28.01
C SER A 822 -13.00 8.81 -26.73
N LEU A 823 -12.08 9.61 -26.21
CA LEU A 823 -12.22 10.18 -24.86
C LEU A 823 -12.38 11.70 -24.88
N PRO A 824 -13.16 12.29 -23.96
CA PRO A 824 -13.86 11.59 -22.87
C PRO A 824 -15.06 10.73 -23.32
N TYR A 825 -15.20 9.54 -22.76
CA TYR A 825 -16.29 8.66 -23.10
C TYR A 825 -17.50 8.98 -22.23
N LYS A 826 -18.58 9.41 -22.90
CA LYS A 826 -19.74 9.99 -22.22
C LYS A 826 -20.97 9.09 -22.08
N GLU A 827 -20.98 7.90 -22.69
CA GLU A 827 -22.17 7.02 -22.53
C GLU A 827 -22.09 6.23 -21.25
N ASP A 828 -23.24 5.73 -20.79
CA ASP A 828 -23.36 5.03 -19.49
C ASP A 828 -22.55 3.77 -19.42
N ASP A 829 -22.43 3.08 -20.56
CA ASP A 829 -21.78 1.80 -20.63
C ASP A 829 -21.33 1.57 -22.06
N PHE A 830 -20.82 0.38 -22.39
CA PHE A 830 -20.36 0.05 -23.74
C PHE A 830 -21.34 -0.82 -24.53
N SER A 831 -22.60 -0.82 -24.11
CA SER A 831 -23.67 -1.62 -24.77
C SER A 831 -23.88 -1.30 -26.26
N SER A 832 -23.70 -0.03 -26.66
CA SER A 832 -23.71 0.36 -28.09
C SER A 832 -22.73 -0.41 -28.95
N TYR A 833 -21.61 -0.81 -28.34
CA TYR A 833 -20.62 -1.59 -29.05
C TYR A 833 -20.76 -3.10 -28.82
N GLY A 834 -21.89 -3.53 -28.26
CA GLY A 834 -22.12 -4.95 -28.00
C GLY A 834 -21.50 -5.47 -26.71
N LEU A 835 -21.04 -4.56 -25.84
CA LEU A 835 -20.40 -4.96 -24.57
C LEU A 835 -21.28 -4.49 -23.41
N GLU A 836 -22.07 -5.41 -22.89
CA GLU A 836 -22.95 -5.14 -21.81
C GLU A 836 -22.15 -5.27 -20.50
N ARG A 837 -22.66 -4.65 -19.44
CA ARG A 837 -22.11 -4.79 -18.09
C ARG A 837 -22.11 -6.24 -17.69
N ASP A 838 -21.08 -6.64 -16.95
CA ASP A 838 -20.97 -8.01 -16.45
C ASP A 838 -22.00 -8.26 -15.36
N LEU A 839 -21.99 -7.42 -14.32
CA LEU A 839 -22.96 -7.53 -13.22
C LEU A 839 -23.61 -6.20 -12.98
N ILE A 840 -24.94 -6.18 -12.98
CA ILE A 840 -25.71 -4.99 -12.64
C ILE A 840 -26.29 -5.21 -11.25
N VAL A 841 -25.79 -4.41 -10.32
CA VAL A 841 -26.26 -4.38 -8.95
C VAL A 841 -26.33 -2.92 -8.48
N PRO A 842 -27.11 -2.64 -7.41
CA PRO A 842 -27.04 -1.28 -6.80
C PRO A 842 -25.66 -0.91 -6.22
N GLU A 843 -25.55 0.35 -5.79
CA GLU A 843 -24.32 0.85 -5.21
C GLU A 843 -24.03 0.15 -3.90
N ASN A 844 -22.77 0.19 -3.51
CA ASN A 844 -22.31 -0.38 -2.24
C ASN A 844 -22.49 -1.89 -2.21
N ILE A 845 -22.32 -2.48 -3.37
CA ILE A 845 -22.26 -3.94 -3.53
C ILE A 845 -20.96 -4.29 -4.29
N ALA A 846 -20.05 -4.98 -3.63
CA ALA A 846 -18.76 -5.24 -4.16
C ALA A 846 -18.86 -6.62 -4.86
N TRP A 847 -18.15 -6.81 -5.95
CA TRP A 847 -18.26 -8.07 -6.70
C TRP A 847 -17.03 -8.38 -7.51
N THR A 848 -16.93 -9.67 -7.87
CA THR A 848 -16.01 -10.09 -8.85
C THR A 848 -16.55 -11.38 -9.54
N HIS A 849 -15.96 -11.70 -10.67
CA HIS A 849 -16.42 -12.79 -11.54
C HIS A 849 -15.22 -13.60 -11.96
N ARG A 850 -15.32 -14.92 -11.78
CA ARG A 850 -14.30 -15.79 -12.31
C ARG A 850 -14.95 -16.83 -13.21
N GLN A 851 -14.14 -17.36 -14.12
CA GLN A 851 -14.65 -18.39 -15.01
C GLN A 851 -13.63 -19.42 -15.42
N GLY A 852 -14.12 -20.65 -15.61
CA GLY A 852 -13.27 -21.74 -16.03
C GLY A 852 -14.13 -22.86 -16.59
N GLU A 853 -13.48 -24.00 -16.83
CA GLU A 853 -14.16 -25.17 -17.43
C GLU A 853 -15.41 -25.64 -16.66
N GLN A 854 -15.42 -25.50 -15.33
CA GLN A 854 -16.58 -25.91 -14.55
C GLN A 854 -17.68 -24.88 -14.39
N GLY A 855 -17.51 -23.69 -14.95
CA GLY A 855 -18.58 -22.72 -14.98
C GLY A 855 -18.11 -21.33 -14.51
N ASP A 856 -19.09 -20.53 -14.09
CA ASP A 856 -18.85 -19.13 -13.74
C ASP A 856 -19.21 -18.92 -12.30
N ILE A 857 -18.43 -18.06 -11.61
CA ILE A 857 -18.69 -17.74 -10.21
C ILE A 857 -18.73 -16.19 -10.11
N TYR A 858 -19.77 -15.67 -9.46
CA TYR A 858 -19.84 -14.25 -9.08
C TYR A 858 -19.81 -14.19 -7.57
N PHE A 859 -18.88 -13.42 -7.02
CA PHE A 859 -18.87 -13.08 -5.63
C PHE A 859 -19.63 -11.75 -5.50
N ILE A 860 -20.56 -11.67 -4.56
CA ILE A 860 -21.42 -10.51 -4.38
C ILE A 860 -21.48 -10.20 -2.88
N ALA A 861 -21.10 -8.98 -2.49
CA ALA A 861 -20.91 -8.67 -1.08
C ALA A 861 -21.52 -7.33 -0.68
N ASN A 862 -22.37 -7.34 0.33
CA ASN A 862 -23.05 -6.14 0.82
C ASN A 862 -22.02 -5.35 1.61
N GLN A 863 -21.78 -4.09 1.22
CA GLN A 863 -20.84 -3.24 1.95
C GLN A 863 -21.49 -2.35 3.04
N LEU A 864 -22.80 -2.41 3.19
CA LEU A 864 -23.49 -1.67 4.21
C LEU A 864 -23.90 -2.50 5.40
N GLU A 865 -24.06 -1.77 6.51
CA GLU A 865 -24.47 -2.33 7.76
C GLU A 865 -25.98 -2.35 7.82
N GLU A 866 -26.62 -2.92 6.80
CA GLU A 866 -28.05 -3.06 6.80
C GLU A 866 -28.46 -4.26 5.97
N THR A 867 -29.69 -4.68 6.19
CA THR A 867 -30.24 -5.79 5.46
C THR A 867 -30.81 -5.24 4.18
N ARG A 868 -30.45 -5.85 3.05
CA ARG A 868 -30.90 -5.38 1.75
C ARG A 868 -31.42 -6.50 0.91
N THR A 869 -32.48 -6.20 0.15
CA THR A 869 -33.04 -7.07 -0.85
C THR A 869 -33.00 -6.32 -2.17
N PHE A 870 -32.36 -6.92 -3.20
CA PHE A 870 -32.13 -6.25 -4.47
C PHE A 870 -31.99 -7.29 -5.56
N THR A 871 -32.09 -6.80 -6.79
CA THR A 871 -31.91 -7.62 -8.01
C THR A 871 -30.45 -7.55 -8.45
N ALA A 872 -29.89 -8.71 -8.80
CA ALA A 872 -28.56 -8.81 -9.33
C ALA A 872 -28.75 -9.40 -10.71
N SER A 873 -28.23 -8.71 -11.74
CA SER A 873 -28.41 -9.17 -13.13
C SER A 873 -27.06 -9.48 -13.74
N MET A 874 -26.88 -10.73 -14.13
CA MET A 874 -25.58 -11.20 -14.60
C MET A 874 -25.60 -11.46 -16.10
N ARG A 875 -24.43 -11.26 -16.71
CA ARG A 875 -24.22 -11.46 -18.14
C ARG A 875 -23.99 -12.95 -18.42
N ILE A 876 -25.03 -13.73 -18.16
CA ILE A 876 -25.02 -15.19 -18.30
C ILE A 876 -26.39 -15.51 -18.91
N ASP A 877 -26.41 -16.28 -20.01
CA ASP A 877 -27.64 -16.61 -20.72
C ASP A 877 -27.89 -18.11 -20.67
N GLY A 878 -29.00 -18.50 -20.04
CA GLY A 878 -29.51 -19.87 -20.10
C GLY A 878 -28.78 -20.88 -19.28
N ARG A 879 -28.20 -20.47 -18.15
CA ARG A 879 -27.69 -21.44 -17.17
C ARG A 879 -28.33 -21.22 -15.80
N LYS A 880 -28.34 -22.27 -14.99
CA LYS A 880 -29.05 -22.30 -13.72
C LYS A 880 -28.14 -21.84 -12.57
N PRO A 881 -28.53 -20.74 -11.90
CA PRO A 881 -27.65 -20.30 -10.80
C PRO A 881 -27.90 -21.04 -9.49
N GLU A 882 -26.87 -21.07 -8.65
CA GLU A 882 -26.91 -21.57 -7.29
C GLU A 882 -26.30 -20.51 -6.35
N CYS A 883 -26.74 -20.52 -5.11
CA CYS A 883 -26.31 -19.57 -4.08
C CYS A 883 -25.53 -20.33 -3.00
N TRP A 884 -24.21 -20.11 -2.95
CA TRP A 884 -23.30 -20.83 -2.05
C TRP A 884 -22.90 -19.84 -0.91
N ASN A 885 -23.17 -20.22 0.34
CA ASN A 885 -22.97 -19.38 1.51
C ASN A 885 -21.60 -19.66 2.14
N PRO A 886 -20.66 -18.70 2.02
CA PRO A 886 -19.32 -18.95 2.53
C PRO A 886 -19.16 -18.95 4.07
N VAL A 887 -20.08 -18.35 4.80
CA VAL A 887 -20.00 -18.37 6.26
C VAL A 887 -20.34 -19.78 6.79
N THR A 888 -21.37 -20.38 6.20
CA THR A 888 -21.89 -21.64 6.69
C THR A 888 -21.48 -22.84 5.87
N GLY A 889 -20.99 -22.65 4.64
CA GLY A 889 -20.76 -23.74 3.71
C GLY A 889 -22.02 -24.31 3.01
N GLU A 890 -23.22 -23.82 3.31
CA GLU A 890 -24.47 -24.32 2.69
C GLU A 890 -24.54 -23.94 1.22
N ILE A 891 -25.08 -24.86 0.43
CA ILE A 891 -25.29 -24.70 -0.98
C ILE A 891 -26.81 -24.79 -1.20
N ASN A 892 -27.40 -23.74 -1.74
CA ASN A 892 -28.78 -23.75 -2.23
C ASN A 892 -28.79 -23.80 -3.77
N ALA A 893 -28.97 -25.01 -4.31
CA ALA A 893 -28.97 -25.23 -5.77
C ALA A 893 -30.31 -24.94 -6.47
N ASP A 894 -31.33 -24.50 -5.73
CA ASP A 894 -32.62 -24.23 -6.34
C ASP A 894 -33.11 -22.84 -5.95
N ILE A 895 -32.40 -21.83 -6.42
CA ILE A 895 -32.81 -20.45 -6.15
C ILE A 895 -33.70 -19.99 -7.30
N PRO A 896 -34.70 -19.14 -7.01
CA PRO A 896 -35.52 -18.60 -8.14
C PRO A 896 -34.69 -17.66 -9.01
N TYR A 897 -34.98 -17.63 -10.29
CA TYR A 897 -34.28 -16.77 -11.21
C TYR A 897 -35.14 -16.48 -12.42
N GLU A 898 -34.86 -15.34 -13.06
CA GLU A 898 -35.55 -14.93 -14.28
C GLU A 898 -34.53 -14.73 -15.39
N GLN A 899 -34.94 -15.07 -16.61
CA GLN A 899 -34.13 -14.88 -17.82
C GLN A 899 -34.76 -13.76 -18.62
N LYS A 900 -34.11 -12.60 -18.65
CA LYS A 900 -34.63 -11.40 -19.33
C LYS A 900 -33.54 -10.88 -20.24
N SER A 901 -33.88 -10.67 -21.53
CA SER A 901 -32.99 -10.03 -22.52
C SER A 901 -31.59 -10.67 -22.50
N HIS A 902 -31.59 -12.00 -22.47
CA HIS A 902 -30.38 -12.81 -22.52
C HIS A 902 -29.42 -12.65 -21.28
N ARG A 903 -29.96 -12.12 -20.18
CA ARG A 903 -29.27 -12.07 -18.88
C ARG A 903 -30.02 -12.99 -17.89
N THR A 904 -29.41 -13.16 -16.72
CA THR A 904 -29.99 -13.93 -15.65
C THR A 904 -30.11 -13.03 -14.43
N GLU A 905 -31.32 -12.92 -13.90
CA GLU A 905 -31.57 -12.11 -12.70
C GLU A 905 -32.00 -12.95 -11.51
N ILE A 906 -31.52 -12.56 -10.35
CA ILE A 906 -31.92 -13.21 -9.11
C ILE A 906 -32.24 -12.11 -8.14
N THR A 907 -33.07 -12.41 -7.16
CA THR A 907 -33.34 -11.47 -6.07
C THR A 907 -32.58 -12.00 -4.85
N LEU A 908 -31.66 -11.18 -4.33
CA LEU A 908 -30.83 -11.56 -3.19
C LEU A 908 -31.23 -10.75 -1.98
N THR A 909 -31.26 -11.39 -0.83
CA THR A 909 -31.33 -10.72 0.45
C THR A 909 -30.03 -10.92 1.21
N LEU A 910 -29.32 -9.83 1.50
CA LEU A 910 -28.05 -9.89 2.23
C LEU A 910 -28.22 -9.12 3.56
N ALA A 911 -27.92 -9.79 4.65
CA ALA A 911 -27.78 -9.19 5.97
C ALA A 911 -26.60 -8.22 5.99
N PRO A 912 -26.44 -7.41 7.07
CA PRO A 912 -25.28 -6.52 7.13
C PRO A 912 -23.95 -7.21 6.81
N ASN A 913 -23.21 -6.64 5.87
CA ASN A 913 -21.86 -7.08 5.44
C ASN A 913 -21.84 -8.51 4.85
N GLU A 914 -23.00 -9.03 4.53
CA GLU A 914 -23.10 -10.43 4.13
C GLU A 914 -22.64 -10.56 2.69
N SER A 915 -22.07 -11.72 2.39
CA SER A 915 -21.67 -12.02 1.03
C SER A 915 -22.16 -13.39 0.63
N VAL A 916 -22.17 -13.59 -0.67
CA VAL A 916 -22.65 -14.82 -1.26
C VAL A 916 -21.90 -15.10 -2.56
N PHE A 917 -21.80 -16.38 -2.93
CA PHE A 917 -21.32 -16.74 -4.25
C PHE A 917 -22.46 -17.29 -5.12
N ILE A 918 -22.57 -16.83 -6.36
CA ILE A 918 -23.59 -17.29 -7.30
C ILE A 918 -22.79 -18.09 -8.31
N VAL A 919 -23.10 -19.38 -8.38
CA VAL A 919 -22.33 -20.31 -9.18
C VAL A 919 -23.22 -20.81 -10.28
N TYR A 920 -22.68 -20.83 -11.50
CA TYR A 920 -23.38 -21.38 -12.68
C TYR A 920 -22.56 -22.52 -13.22
N PRO A 921 -23.04 -23.75 -13.06
CA PRO A 921 -22.40 -24.88 -13.75
C PRO A 921 -22.28 -24.67 -15.26
N ALA A 922 -21.26 -25.30 -15.85
CA ALA A 922 -21.04 -25.29 -17.31
C ALA A 922 -22.05 -26.18 -18.02
N THR A 947 -40.97 -16.38 17.33
CA THR A 947 -41.53 -16.50 18.69
C THR A 947 -40.46 -16.38 19.81
N GLY A 948 -40.87 -15.76 20.91
CA GLY A 948 -39.99 -15.50 22.06
C GLY A 948 -39.44 -16.77 22.67
N LEU A 949 -38.15 -16.76 22.98
CA LEU A 949 -37.58 -17.81 23.81
C LEU A 949 -38.02 -17.46 25.22
N GLU A 950 -38.36 -18.47 26.00
CA GLU A 950 -38.69 -18.32 27.42
C GLU A 950 -37.67 -19.16 28.17
N ALA A 951 -36.62 -18.50 28.62
CA ALA A 951 -35.49 -19.13 29.28
C ALA A 951 -35.80 -19.30 30.76
N THR A 952 -35.29 -20.38 31.35
CA THR A 952 -35.19 -20.46 32.80
C THR A 952 -34.05 -19.49 33.24
N GLU A 953 -33.72 -19.49 34.53
CA GLU A 953 -32.64 -18.67 35.06
C GLU A 953 -31.29 -18.99 34.40
N TYR A 954 -30.63 -17.95 33.86
CA TYR A 954 -29.27 -18.09 33.32
C TYR A 954 -28.26 -18.24 34.43
N THR A 955 -27.35 -19.20 34.29
CA THR A 955 -26.08 -19.17 35.01
C THR A 955 -25.03 -18.65 34.03
N VAL A 956 -24.31 -17.60 34.44
CA VAL A 956 -23.28 -16.98 33.60
C VAL A 956 -21.93 -17.09 34.30
N THR A 957 -20.96 -17.75 33.67
CA THR A 957 -19.64 -18.01 34.26
C THR A 957 -18.57 -17.26 33.48
N PHE A 958 -17.92 -16.31 34.13
CA PHE A 958 -16.87 -15.51 33.50
C PHE A 958 -15.57 -16.28 33.64
N THR A 959 -15.18 -16.95 32.56
CA THR A 959 -14.09 -17.91 32.58
C THR A 959 -12.75 -17.38 33.12
N ALA A 960 -12.40 -16.14 32.77
CA ALA A 960 -11.09 -15.60 33.12
C ALA A 960 -10.86 -15.26 34.62
N ASN A 961 -11.93 -15.00 35.37
CA ASN A 961 -11.83 -14.74 36.83
C ASN A 961 -12.72 -15.66 37.67
N GLY A 962 -13.32 -16.67 37.02
CA GLY A 962 -14.12 -17.69 37.67
C GLY A 962 -15.38 -17.18 38.33
N LYS A 963 -15.80 -15.95 38.06
CA LYS A 963 -17.00 -15.42 38.68
C LYS A 963 -18.25 -16.01 38.05
N THR A 964 -19.21 -16.37 38.89
CA THR A 964 -20.46 -16.95 38.43
C THR A 964 -21.59 -16.16 39.05
N ILE A 965 -22.55 -15.78 38.20
CA ILE A 965 -23.79 -15.15 38.66
C ILE A 965 -25.04 -15.84 38.09
N GLN A 966 -26.16 -15.58 38.75
CA GLN A 966 -27.48 -16.08 38.37
C GLN A 966 -28.31 -14.87 37.99
N ARG A 967 -28.88 -14.87 36.78
CA ARG A 967 -29.75 -13.75 36.33
C ARG A 967 -30.91 -14.26 35.51
N GLN A 968 -32.08 -13.65 35.70
CA GLN A 968 -33.28 -13.96 34.91
C GLN A 968 -33.21 -13.29 33.54
N GLU A 969 -32.67 -12.08 33.49
CA GLU A 969 -32.66 -11.27 32.27
C GLU A 969 -31.23 -11.08 31.74
N LEU A 970 -31.11 -10.98 30.41
CA LEU A 970 -29.84 -10.72 29.75
C LEU A 970 -29.38 -9.31 30.09
N PHE A 971 -28.07 -9.09 30.06
CA PHE A 971 -27.52 -7.82 30.51
C PHE A 971 -26.19 -7.49 29.80
N ASP A 972 -25.90 -6.19 29.73
CA ASP A 972 -24.64 -5.68 29.17
C ASP A 972 -23.60 -5.72 30.30
N TRP A 973 -22.52 -6.48 30.11
CA TRP A 973 -21.49 -6.65 31.17
C TRP A 973 -20.97 -5.26 31.62
N SER A 974 -20.83 -4.36 30.66
CA SER A 974 -20.24 -3.05 30.89
C SER A 974 -21.11 -2.11 31.74
N LYS A 975 -22.36 -2.47 32.03
CA LYS A 975 -23.21 -1.66 32.92
C LYS A 975 -23.32 -2.22 34.33
N GLU A 976 -22.65 -3.33 34.62
CA GLU A 976 -22.67 -3.93 35.96
C GLU A 976 -21.86 -3.14 37.02
N GLU A 977 -22.37 -3.13 38.26
CA GLU A 977 -21.70 -2.44 39.40
C GLU A 977 -20.43 -3.18 39.84
N ASP A 978 -20.47 -4.50 39.81
CA ASP A 978 -19.30 -5.33 40.08
C ASP A 978 -18.22 -5.11 39.01
N GLU A 979 -17.14 -4.45 39.43
CA GLU A 979 -16.03 -4.06 38.54
C GLU A 979 -15.39 -5.20 37.75
N GLN A 980 -15.37 -6.39 38.31
CA GLN A 980 -14.81 -7.56 37.64
C GLN A 980 -15.65 -8.07 36.48
N ILE A 981 -16.92 -7.70 36.45
CA ILE A 981 -17.79 -7.91 35.30
C ILE A 981 -17.77 -6.66 34.40
N ARG A 982 -17.90 -5.49 35.01
CA ARG A 982 -17.96 -4.21 34.25
C ARG A 982 -16.79 -4.05 33.25
N TYR A 983 -15.57 -4.32 33.74
CA TYR A 983 -14.37 -4.18 32.93
C TYR A 983 -13.94 -5.51 32.29
N TYR A 984 -14.81 -6.52 32.29
CA TYR A 984 -14.40 -7.83 31.84
C TYR A 984 -14.21 -7.88 30.33
N SER A 985 -13.10 -8.49 29.93
CA SER A 985 -12.83 -8.87 28.55
C SER A 985 -12.48 -10.35 28.57
N GLY A 986 -13.05 -11.10 27.65
CA GLY A 986 -12.81 -12.54 27.60
C GLY A 986 -14.08 -13.24 27.24
N THR A 987 -14.22 -14.45 27.76
CA THR A 987 -15.33 -15.31 27.42
C THR A 987 -16.19 -15.50 28.66
N ALA A 988 -17.50 -15.49 28.45
CA ALA A 988 -18.46 -15.93 29.46
C ALA A 988 -19.43 -16.99 28.91
N VAL A 989 -19.69 -18.01 29.72
CA VAL A 989 -20.55 -19.15 29.34
C VAL A 989 -21.93 -18.98 29.95
N TYR A 990 -22.94 -18.85 29.09
CA TYR A 990 -24.32 -18.75 29.52
C TYR A 990 -24.95 -20.14 29.47
N LYS A 991 -25.64 -20.55 30.54
CA LYS A 991 -26.37 -21.85 30.56
C LYS A 991 -27.80 -21.59 31.01
N THR A 992 -28.74 -22.10 30.24
CA THR A 992 -30.14 -22.05 30.61
C THR A 992 -30.85 -23.26 30.02
N THR A 993 -32.16 -23.32 30.19
CA THR A 993 -33.01 -24.28 29.49
C THR A 993 -34.21 -23.58 28.86
N PHE A 994 -34.81 -24.26 27.88
CA PHE A 994 -36.05 -23.80 27.23
C PHE A 994 -36.88 -25.00 26.82
N ARG A 995 -38.19 -24.81 26.77
CA ARG A 995 -39.12 -25.87 26.38
C ARG A 995 -39.37 -25.76 24.89
N TRP A 996 -39.34 -26.89 24.18
CA TRP A 996 -39.79 -26.92 22.79
C TRP A 996 -41.03 -27.81 22.73
N LYS A 997 -42.14 -27.28 22.22
CA LYS A 997 -43.46 -27.90 22.36
C LYS A 997 -43.68 -29.11 21.46
N SER A 998 -43.32 -28.97 20.19
CA SER A 998 -43.61 -29.99 19.17
C SER A 998 -42.37 -30.74 18.77
N LYS A 999 -42.54 -31.96 18.29
CA LYS A 999 -41.51 -32.62 17.53
C LYS A 999 -41.22 -31.77 16.30
N VAL A 1000 -39.94 -31.65 15.93
CA VAL A 1000 -39.57 -30.96 14.69
C VAL A 1000 -40.07 -31.77 13.50
N LYS A 1001 -40.87 -31.13 12.67
CA LYS A 1001 -41.49 -31.79 11.51
C LYS A 1001 -40.51 -31.89 10.34
N GLU A 1002 -40.80 -32.77 9.38
CA GLU A 1002 -39.99 -32.96 8.18
C GLU A 1002 -39.86 -31.65 7.41
N ASP A 1003 -38.73 -31.45 6.74
CA ASP A 1003 -38.43 -30.19 6.02
C ASP A 1003 -38.67 -28.85 6.81
N GLN A 1004 -38.78 -28.93 8.14
CA GLN A 1004 -38.92 -27.77 9.02
C GLN A 1004 -37.52 -27.38 9.48
N GLN A 1005 -37.24 -26.09 9.55
CA GLN A 1005 -35.91 -25.60 9.93
C GLN A 1005 -36.06 -24.53 11.03
N VAL A 1006 -35.29 -24.68 12.11
CA VAL A 1006 -35.42 -23.84 13.28
C VAL A 1006 -34.10 -23.10 13.54
N TYR A 1007 -34.17 -21.78 13.61
CA TYR A 1007 -33.02 -20.93 13.92
C TYR A 1007 -33.23 -20.29 15.29
N LEU A 1008 -32.20 -20.33 16.12
CA LEU A 1008 -32.14 -19.49 17.31
C LEU A 1008 -31.54 -18.12 16.88
N ASN A 1009 -32.34 -17.06 16.88
CA ASN A 1009 -31.83 -15.71 16.61
C ASN A 1009 -31.29 -15.17 17.92
N LEU A 1010 -30.07 -14.65 17.88
CA LEU A 1010 -29.36 -14.19 19.08
C LEU A 1010 -29.57 -12.69 19.37
N GLY A 1011 -30.19 -11.96 18.45
CA GLY A 1011 -30.32 -10.51 18.61
C GLY A 1011 -28.94 -9.87 18.57
N LYS A 1012 -28.65 -8.99 19.52
CA LYS A 1012 -27.40 -8.27 19.52
C LYS A 1012 -26.33 -9.07 20.29
N VAL A 1013 -25.25 -9.43 19.62
CA VAL A 1013 -24.14 -10.18 20.20
C VAL A 1013 -22.90 -9.28 20.27
N CYS A 1014 -22.34 -9.09 21.47
CA CYS A 1014 -21.13 -8.32 21.68
C CYS A 1014 -20.00 -9.19 22.20
N ASP A 1015 -19.23 -9.88 21.35
CA ASP A 1015 -19.19 -9.74 19.89
C ASP A 1015 -19.30 -11.04 19.07
N LEU A 1016 -19.14 -12.18 19.72
CA LEU A 1016 -19.35 -13.41 18.99
CA LEU A 1016 -19.05 -13.48 19.08
C LEU A 1016 -19.80 -14.46 19.96
N ALA A 1017 -20.48 -15.46 19.41
CA ALA A 1017 -21.19 -16.42 20.23
C ALA A 1017 -21.15 -17.82 19.64
N THR A 1018 -20.85 -18.81 20.45
CA THR A 1018 -20.93 -20.22 20.02
CA THR A 1018 -20.91 -20.21 20.03
C THR A 1018 -22.12 -20.84 20.71
N VAL A 1019 -23.00 -21.47 19.94
CA VAL A 1019 -24.24 -22.05 20.41
C VAL A 1019 -24.15 -23.58 20.48
N ARG A 1020 -24.55 -24.12 21.63
CA ARG A 1020 -24.69 -25.53 21.85
C ARG A 1020 -26.10 -25.82 22.34
N VAL A 1021 -26.81 -26.75 21.68
CA VAL A 1021 -28.15 -27.16 22.09
C VAL A 1021 -28.08 -28.65 22.44
N ASN A 1022 -28.46 -29.00 23.67
CA ASN A 1022 -28.32 -30.35 24.21
C ASN A 1022 -26.94 -30.96 23.91
N GLY A 1023 -25.89 -30.16 24.11
CA GLY A 1023 -24.50 -30.60 23.90
C GLY A 1023 -23.99 -30.56 22.47
N ILE A 1024 -24.87 -30.33 21.49
CA ILE A 1024 -24.51 -30.30 20.07
C ILE A 1024 -24.12 -28.88 19.65
N ASP A 1025 -22.96 -28.75 19.03
CA ASP A 1025 -22.42 -27.47 18.57
C ASP A 1025 -23.23 -27.04 17.33
N CYS A 1026 -23.83 -25.85 17.41
CA CYS A 1026 -24.65 -25.34 16.35
C CYS A 1026 -24.03 -24.14 15.66
N GLY A 1027 -22.75 -23.86 15.93
CA GLY A 1027 -22.00 -22.86 15.18
C GLY A 1027 -21.40 -21.75 16.03
N THR A 1028 -20.32 -21.17 15.54
CA THR A 1028 -19.74 -19.94 16.07
C THR A 1028 -20.25 -18.83 15.18
N ILE A 1029 -21.04 -17.95 15.79
CA ILE A 1029 -21.73 -16.88 15.12
C ILE A 1029 -20.95 -15.57 15.34
N TRP A 1030 -20.47 -14.96 14.25
CA TRP A 1030 -19.55 -13.83 14.28
C TRP A 1030 -19.92 -12.68 13.34
N THR A 1031 -20.92 -12.89 12.49
CA THR A 1031 -21.35 -11.90 11.53
C THR A 1031 -22.82 -12.16 11.22
N ALA A 1032 -23.49 -11.12 10.71
CA ALA A 1032 -24.92 -11.21 10.37
C ALA A 1032 -25.22 -12.25 9.28
N PRO A 1033 -26.37 -12.94 9.34
CA PRO A 1033 -27.34 -12.83 10.46
C PRO A 1033 -26.87 -13.57 11.70
N TYR A 1034 -27.16 -12.96 12.88
CA TYR A 1034 -26.75 -13.51 14.18
C TYR A 1034 -27.75 -14.57 14.65
N ARG A 1035 -27.61 -15.75 14.06
CA ARG A 1035 -28.51 -16.88 14.29
C ARG A 1035 -27.74 -18.18 14.07
N ALA A 1036 -28.18 -19.22 14.75
CA ALA A 1036 -27.63 -20.59 14.65
C ALA A 1036 -28.77 -21.57 14.28
N ASP A 1037 -28.50 -22.48 13.33
CA ASP A 1037 -29.47 -23.49 12.95
C ASP A 1037 -29.42 -24.60 13.99
N ILE A 1038 -30.50 -24.69 14.78
CA ILE A 1038 -30.58 -25.64 15.89
C ILE A 1038 -31.49 -26.83 15.57
N THR A 1039 -31.94 -26.92 14.32
CA THR A 1039 -32.92 -27.90 13.89
C THR A 1039 -32.60 -29.31 14.38
N ALA A 1040 -31.36 -29.73 14.13
CA ALA A 1040 -30.96 -31.13 14.38
C ALA A 1040 -30.76 -31.43 15.85
N ALA A 1041 -30.49 -30.41 16.65
CA ALA A 1041 -30.20 -30.60 18.07
C ALA A 1041 -31.45 -30.53 18.95
N LEU A 1042 -32.55 -30.02 18.42
CA LEU A 1042 -33.77 -29.82 19.20
C LEU A 1042 -34.47 -31.12 19.51
N LYS A 1043 -35.00 -31.22 20.72
CA LYS A 1043 -35.86 -32.32 21.14
C LYS A 1043 -37.13 -31.74 21.79
N LYS A 1044 -38.21 -32.50 21.73
CA LYS A 1044 -39.45 -32.15 22.42
C LYS A 1044 -39.20 -32.15 23.93
N GLY A 1045 -39.73 -31.14 24.61
CA GLY A 1045 -39.56 -31.00 26.05
C GLY A 1045 -38.42 -30.03 26.38
N VAL A 1046 -37.73 -30.32 27.48
CA VAL A 1046 -36.71 -29.44 28.02
C VAL A 1046 -35.43 -29.59 27.19
N ASN A 1047 -34.92 -28.47 26.70
CA ASN A 1047 -33.69 -28.40 25.95
C ASN A 1047 -32.65 -27.63 26.75
N GLU A 1048 -31.41 -28.13 26.73
CA GLU A 1048 -30.30 -27.41 27.35
C GLU A 1048 -29.62 -26.47 26.35
N LEU A 1049 -29.39 -25.23 26.79
CA LEU A 1049 -28.80 -24.18 25.98
C LEU A 1049 -27.55 -23.65 26.66
N GLU A 1050 -26.45 -23.68 25.92
CA GLU A 1050 -25.20 -23.12 26.36
C GLU A 1050 -24.71 -22.21 25.24
N ILE A 1051 -24.41 -20.95 25.59
CA ILE A 1051 -23.86 -20.01 24.63
C ILE A 1051 -22.58 -19.41 25.24
N GLU A 1052 -21.46 -19.52 24.52
CA GLU A 1052 -20.19 -18.90 24.91
C GLU A 1052 -20.03 -17.62 24.15
N VAL A 1053 -19.92 -16.53 24.90
CA VAL A 1053 -19.90 -15.21 24.34
C VAL A 1053 -18.55 -14.58 24.68
N THR A 1054 -17.94 -13.93 23.70
CA THR A 1054 -16.62 -13.32 23.78
C THR A 1054 -16.65 -11.91 23.19
N ASN A 1055 -16.04 -10.96 23.88
CA ASN A 1055 -15.92 -9.59 23.43
C ASN A 1055 -14.46 -9.30 23.07
N THR A 1056 -14.03 -8.04 23.17
CA THR A 1056 -12.67 -7.62 22.84
C THR A 1056 -11.95 -7.12 24.11
N TRP A 1057 -10.65 -6.90 23.99
CA TRP A 1057 -9.78 -6.48 25.08
C TRP A 1057 -10.01 -5.05 25.56
N ALA A 1058 -10.79 -4.24 24.83
CA ALA A 1058 -10.82 -2.77 25.13
C ALA A 1058 -11.21 -2.47 26.57
N ASN A 1059 -12.24 -3.14 27.06
CA ASN A 1059 -12.79 -2.87 28.38
C ASN A 1059 -11.84 -3.25 29.50
N ALA A 1060 -11.19 -4.42 29.38
CA ALA A 1060 -10.23 -4.84 30.42
C ALA A 1060 -8.98 -4.02 30.45
N LEU A 1061 -8.56 -3.51 29.27
CA LEU A 1061 -7.39 -2.63 29.23
C LEU A 1061 -7.69 -1.27 29.85
N LYS A 1062 -8.89 -0.76 29.58
CA LYS A 1062 -9.35 0.47 30.25
C LYS A 1062 -9.32 0.26 31.76
N GLY A 1063 -9.92 -0.83 32.22
CA GLY A 1063 -9.94 -1.13 33.64
C GLY A 1063 -8.55 -1.27 34.23
N ALA A 1064 -7.67 -2.03 33.56
CA ALA A 1064 -6.28 -2.17 34.02
C ALA A 1064 -5.54 -0.81 34.04
N ASP A 1065 -5.74 0.00 33.02
CA ASP A 1065 -5.17 1.37 32.98
C ASP A 1065 -5.58 2.21 34.21
N GLU A 1066 -6.77 1.98 34.74
CA GLU A 1066 -7.30 2.74 35.87
C GLU A 1066 -7.15 2.04 37.24
N GLY A 1067 -6.37 0.95 37.32
CA GLY A 1067 -6.14 0.25 38.61
C GLY A 1067 -7.32 -0.62 38.99
N LYS A 1068 -8.07 -1.05 37.97
CA LYS A 1068 -9.26 -1.88 38.15
C LYS A 1068 -9.24 -3.06 37.19
N ALA A 1069 -8.11 -3.75 37.09
CA ALA A 1069 -8.01 -4.91 36.21
C ALA A 1069 -9.04 -5.97 36.66
N PRO A 1070 -9.82 -6.54 35.73
CA PRO A 1070 -10.81 -7.54 36.10
C PRO A 1070 -10.23 -8.92 36.44
N PHE A 1071 -8.95 -9.12 36.12
CA PHE A 1071 -8.18 -10.30 36.53
C PHE A 1071 -6.70 -9.99 36.45
N ASP A 1072 -5.90 -10.93 36.94
CA ASP A 1072 -4.43 -10.83 36.96
C ASP A 1072 -3.80 -11.09 35.59
N GLY A 1073 -2.59 -10.57 35.42
CA GLY A 1073 -1.73 -10.86 34.27
C GLY A 1073 -1.99 -10.04 32.99
N ILE A 1074 -2.65 -8.90 33.09
CA ILE A 1074 -2.94 -8.08 31.93
C ILE A 1074 -1.75 -7.19 31.64
N TRP A 1075 -1.21 -7.25 30.44
CA TRP A 1075 -0.08 -6.40 30.03
C TRP A 1075 0.08 -6.43 28.52
N THR A 1076 0.33 -5.24 27.94
CA THR A 1076 0.74 -5.14 26.55
C THR A 1076 1.64 -3.91 26.37
N ASN A 1077 2.58 -3.98 25.43
CA ASN A 1077 3.32 -2.76 25.03
C ASN A 1077 2.51 -1.84 24.11
N ALA A 1078 1.33 -2.27 23.67
CA ALA A 1078 0.46 -1.43 22.85
C ALA A 1078 -0.18 -0.35 23.77
N LYS A 1079 0.10 0.90 23.52
CA LYS A 1079 -0.36 1.96 24.43
C LYS A 1079 -1.54 2.79 23.87
N TYR A 1080 -1.94 2.56 22.61
CA TYR A 1080 -3.02 3.37 22.04
C TYR A 1080 -4.35 2.89 22.57
N ARG A 1081 -5.29 3.83 22.71
CA ARG A 1081 -6.63 3.54 23.25
C ARG A 1081 -7.63 4.44 22.55
N ARG A 1082 -8.89 4.03 22.51
CA ARG A 1082 -9.94 4.85 21.92
C ARG A 1082 -9.96 6.20 22.67
N ALA A 1083 -10.08 7.30 21.93
CA ALA A 1083 -10.19 8.61 22.51
C ALA A 1083 -11.43 8.76 23.42
N GLU A 1084 -12.50 8.05 23.10
CA GLU A 1084 -13.82 8.21 23.74
C GLU A 1084 -13.87 7.93 25.26
N ASN A 1085 -12.98 7.04 25.73
CA ASN A 1085 -12.89 6.67 27.15
C ASN A 1085 -14.20 6.06 27.68
N THR A 1086 -14.93 5.33 26.78
CA THR A 1086 -16.15 4.67 27.15
C THR A 1086 -15.90 3.16 27.21
N LEU A 1087 -16.67 2.49 28.04
CA LEU A 1087 -16.74 1.05 27.99
C LEU A 1087 -17.61 0.64 26.81
N LEU A 1088 -17.19 -0.40 26.09
CA LEU A 1088 -17.96 -0.90 24.98
C LEU A 1088 -19.04 -1.87 25.45
N PRO A 1089 -20.20 -1.86 24.79
CA PRO A 1089 -21.22 -2.90 25.07
C PRO A 1089 -20.60 -4.31 24.97
N ALA A 1090 -21.00 -5.15 25.90
CA ALA A 1090 -20.40 -6.46 26.05
C ALA A 1090 -21.42 -7.49 26.48
N GLY A 1091 -21.37 -8.66 25.84
CA GLY A 1091 -22.16 -9.82 26.22
C GLY A 1091 -23.27 -10.17 25.26
N LEU A 1092 -24.09 -11.12 25.68
CA LEU A 1092 -25.24 -11.54 24.91
C LEU A 1092 -26.36 -10.61 25.28
N LEU A 1093 -26.56 -9.60 24.46
CA LEU A 1093 -27.61 -8.61 24.73
C LEU A 1093 -29.00 -9.08 24.32
N GLY A 1094 -29.12 -9.96 23.32
CA GLY A 1094 -30.43 -10.45 22.90
C GLY A 1094 -31.26 -9.38 22.20
N PRO A 1095 -32.58 -9.50 22.16
CA PRO A 1095 -33.33 -10.64 22.69
C PRO A 1095 -33.11 -11.93 21.89
N LEU A 1096 -33.39 -13.08 22.51
CA LEU A 1096 -33.36 -14.40 21.85
C LEU A 1096 -34.76 -14.77 21.38
N ASN A 1097 -34.85 -15.29 20.16
CA ASN A 1097 -36.10 -15.68 19.48
C ASN A 1097 -35.82 -16.89 18.61
N PHE A 1098 -36.86 -17.65 18.33
CA PHE A 1098 -36.81 -18.73 17.35
C PHE A 1098 -37.45 -18.27 16.03
N ASP A 1099 -36.82 -18.61 14.90
CA ASP A 1099 -37.43 -18.47 13.58
C ASP A 1099 -37.64 -19.89 13.07
N VAL A 1100 -38.90 -20.30 12.89
CA VAL A 1100 -39.23 -21.63 12.36
C VAL A 1100 -39.64 -21.45 10.89
N ALA A 1101 -38.89 -22.06 9.98
CA ALA A 1101 -39.11 -21.94 8.54
C ALA A 1101 -39.38 -23.30 7.87
N ASN A 1102 -39.53 -23.28 6.54
CA ASN A 1102 -39.55 -24.49 5.70
C ASN A 1102 -38.30 -24.55 4.81
#